data_4EK7
#
_entry.id   4EK7
#
_cell.length_a   105.560
_cell.length_b   129.524
_cell.length_c   216.643
_cell.angle_alpha   90.00
_cell.angle_beta   90.00
_cell.angle_gamma   90.00
#
_symmetry.space_group_name_H-M   'I 2 2 2'
#
loop_
_entity.id
_entity.type
_entity.pdbx_description
1 polymer Raucaffricine-O-beta-D-glucosidase
2 non-polymer beta-D-glucopyranose
3 non-polymer 'CHLORIDE ION'
4 water water
#
_entity_poly.entity_id   1
_entity_poly.type   'polypeptide(L)'
_entity_poly.pdbx_seq_one_letter_code
;MATQSSAVIDSNDATRISRSDFPADFIMGTGSSAYQIEGGARDGGRGPSIWDTFTHRRPDMIRGGTNGDVAVDSYHLYKE
DVNILKNLGLDAYRFSISWSRVLPGGRLSGGVNKEGINYYNNLIDGLLANGIKPFVTLFHWDVPQALEDEYGGFLSPRIV
DDFCEYAELCFWEFGDRVKHWMTLNQPWTFSVHGYATGLYAPGRGRTSPEHVNHPTVQHRCSTVAPQCICSTGNPGTEPY
WVTHHLLLAHAAAVELYKNKFQRGQEGQIGISHATQWMEPWDENSASDVEAAARALDFMLGWFMEPITSGDYPKSMKKFV
GSRLPKFSPEQSKMLKGSYDFVGLNYYTASYVTNASTNSSGSNNFSYNTDIHVTYETDRNGVPIGPQSGSDWLLIYPEGI
RKILVYTKKTYNVPLIYVTENGVDDVKNTNLTLSEARKDSMRLKYLQDHIFNVRQAMNDGVNVKGYFAWSLLDNFEWGEG
YGVRFGIIHIDYNDNFARYPKDSAVWLMNSFHK
;
_entity_poly.pdbx_strand_id   A,B
#
loop_
_chem_comp.id
_chem_comp.type
_chem_comp.name
_chem_comp.formula
BGC D-saccharide, beta linking beta-D-glucopyranose 'C6 H12 O6'
CL non-polymer 'CHLORIDE ION' 'Cl -1'
#
# COMPACT_ATOMS: atom_id res chain seq x y z
N ASP A 13 29.42 -30.26 0.86
CA ASP A 13 29.15 -28.85 0.35
C ASP A 13 27.65 -28.48 0.00
N ALA A 14 27.11 -27.52 0.75
CA ALA A 14 25.70 -27.10 0.67
C ALA A 14 25.23 -26.59 -0.69
N THR A 15 26.12 -26.09 -1.55
CA THR A 15 25.68 -25.47 -2.82
C THR A 15 25.22 -26.50 -3.84
N ARG A 16 25.59 -27.76 -3.65
CA ARG A 16 25.25 -28.77 -4.63
C ARG A 16 24.12 -29.65 -4.14
N ILE A 17 23.50 -29.26 -3.02
CA ILE A 17 22.33 -30.01 -2.53
C ILE A 17 21.20 -29.99 -3.61
N SER A 18 20.51 -31.11 -3.74
CA SER A 18 19.54 -31.26 -4.81
C SER A 18 18.73 -32.50 -4.49
N ARG A 19 17.68 -32.74 -5.28
CA ARG A 19 16.72 -33.79 -5.00
C ARG A 19 17.36 -35.16 -4.94
N SER A 20 18.44 -35.34 -5.67
CA SER A 20 19.05 -36.67 -5.81
C SER A 20 19.84 -37.03 -4.55
N ASP A 21 20.06 -36.08 -3.67
CA ASP A 21 20.60 -36.41 -2.32
C ASP A 21 19.54 -36.90 -1.35
N PHE A 22 18.29 -37.14 -1.77
CA PHE A 22 17.22 -37.49 -0.81
C PHE A 22 16.52 -38.78 -1.22
N PRO A 23 15.79 -39.48 -0.32
CA PRO A 23 15.09 -40.69 -0.86
C PRO A 23 13.95 -40.30 -1.79
N ALA A 24 13.43 -41.29 -2.50
CA ALA A 24 12.52 -41.01 -3.60
C ALA A 24 11.17 -40.49 -3.11
N ASP A 25 10.73 -40.95 -1.96
CA ASP A 25 9.44 -40.55 -1.39
C ASP A 25 9.47 -39.22 -0.57
N PHE A 26 10.57 -38.47 -0.65
CA PHE A 26 10.75 -37.25 0.12
C PHE A 26 10.01 -36.15 -0.60
N ILE A 27 9.27 -35.33 0.14
CA ILE A 27 8.33 -34.36 -0.36
C ILE A 27 8.95 -33.00 -0.17
N MET A 28 9.00 -32.18 -1.21
CA MET A 28 9.37 -30.76 -1.12
C MET A 28 8.13 -29.89 -1.37
N GLY A 29 8.03 -28.73 -0.72
CA GLY A 29 6.87 -27.92 -0.87
C GLY A 29 7.05 -26.50 -0.39
N THR A 30 5.95 -25.77 -0.35
CA THR A 30 5.95 -24.36 0.09
C THR A 30 4.61 -24.17 0.81
N GLY A 31 4.38 -22.97 1.39
CA GLY A 31 3.31 -22.83 2.36
C GLY A 31 2.72 -21.45 2.43
N SER A 32 1.50 -21.39 2.98
CA SER A 32 0.87 -20.06 3.23
C SER A 32 -0.11 -20.30 4.35
N SER A 33 -0.76 -19.23 4.82
CA SER A 33 -1.92 -19.36 5.70
C SER A 33 -3.04 -18.43 5.16
N ALA A 34 -4.26 -18.75 5.54
CA ALA A 34 -5.41 -18.11 4.91
C ALA A 34 -5.40 -16.64 5.08
N TYR A 35 -5.18 -16.15 6.29
CA TYR A 35 -5.38 -14.71 6.52
C TYR A 35 -4.22 -13.90 5.87
N GLN A 36 -3.04 -14.49 5.82
CA GLN A 36 -1.88 -13.81 5.20
C GLN A 36 -2.00 -13.66 3.70
N ILE A 37 -2.63 -14.61 2.99
CA ILE A 37 -2.73 -14.45 1.54
C ILE A 37 -4.08 -14.18 0.90
N GLU A 38 -5.19 -14.65 1.49
CA GLU A 38 -6.53 -14.72 0.79
C GLU A 38 -7.11 -13.38 0.37
N GLY A 39 -7.13 -12.40 1.26
CA GLY A 39 -8.08 -11.26 1.18
C GLY A 39 -9.49 -11.79 1.01
N GLY A 40 -10.28 -11.08 0.22
CA GLY A 40 -11.72 -11.40 0.11
C GLY A 40 -12.30 -11.58 1.52
N ALA A 41 -11.90 -10.68 2.44
CA ALA A 41 -12.18 -10.85 3.87
C ALA A 41 -13.71 -10.77 4.12
N ARG A 42 -14.38 -10.04 3.26
CA ARG A 42 -15.85 -9.88 3.33
C ARG A 42 -16.47 -10.30 2.00
N ASP A 43 -15.77 -11.15 1.23
CA ASP A 43 -16.28 -11.68 0.02
C ASP A 43 -16.69 -13.14 0.19
N GLY A 44 -17.74 -13.52 -0.56
CA GLY A 44 -18.04 -14.93 -0.75
C GLY A 44 -18.66 -15.38 0.57
N GLY A 45 -19.35 -14.47 1.35
CA GLY A 45 -19.93 -14.95 2.61
C GLY A 45 -19.03 -15.16 3.87
N ARG A 46 -17.71 -14.92 3.79
CA ARG A 46 -16.84 -15.04 4.96
C ARG A 46 -17.24 -14.12 6.13
N GLY A 47 -17.30 -14.66 7.34
CA GLY A 47 -17.35 -13.82 8.52
C GLY A 47 -15.99 -13.40 9.08
N PRO A 48 -16.01 -12.43 9.99
CA PRO A 48 -14.80 -11.87 10.57
C PRO A 48 -14.07 -12.89 11.50
N SER A 49 -12.72 -12.91 11.48
CA SER A 49 -11.91 -13.59 12.45
C SER A 49 -11.38 -12.54 13.45
N ILE A 50 -10.79 -13.01 14.54
CA ILE A 50 -10.13 -12.09 15.51
C ILE A 50 -9.08 -11.23 14.88
N TRP A 51 -8.45 -11.74 13.80
CA TRP A 51 -7.50 -10.84 13.09
C TRP A 51 -8.08 -9.69 12.35
N ASP A 52 -9.33 -9.85 11.86
CA ASP A 52 -10.04 -8.82 11.14
C ASP A 52 -10.29 -7.72 12.14
N THR A 53 -10.79 -8.10 13.32
CA THR A 53 -11.23 -7.14 14.34
C THR A 53 -9.99 -6.41 14.90
N PHE A 54 -8.93 -7.21 15.20
CA PHE A 54 -7.73 -6.64 15.79
C PHE A 54 -7.11 -5.60 14.85
N THR A 55 -6.91 -6.00 13.58
CA THR A 55 -6.27 -5.03 12.66
C THR A 55 -7.21 -3.85 12.35
N HIS A 56 -8.55 -4.00 12.47
CA HIS A 56 -9.43 -2.83 12.22
C HIS A 56 -9.67 -1.91 13.36
N ARG A 57 -9.78 -2.48 14.57
CA ARG A 57 -10.04 -1.69 15.79
C ARG A 57 -8.74 -1.14 16.40
N ARG A 58 -7.63 -1.82 16.14
CA ARG A 58 -6.35 -1.40 16.68
C ARG A 58 -5.24 -1.28 15.62
N PRO A 59 -5.42 -0.33 14.67
CA PRO A 59 -4.46 -0.21 13.53
C PRO A 59 -3.11 0.28 14.04
N ASP A 60 -3.15 0.88 15.21
CA ASP A 60 -1.91 1.30 15.83
C ASP A 60 -1.04 0.10 16.14
N MET A 61 -1.54 -1.12 16.21
CA MET A 61 -0.69 -2.30 16.55
C MET A 61 -0.02 -2.92 15.35
N ILE A 62 -0.28 -2.35 14.17
CA ILE A 62 0.21 -2.92 12.89
C ILE A 62 1.02 -1.86 12.19
N ARG A 63 2.24 -2.26 11.80
CA ARG A 63 3.11 -1.41 10.97
C ARG A 63 2.36 -0.93 9.76
N GLY A 64 2.24 0.38 9.65
CA GLY A 64 1.62 0.97 8.52
C GLY A 64 0.11 1.06 8.74
N GLY A 65 -0.44 0.44 9.79
CA GLY A 65 -1.93 0.58 9.97
C GLY A 65 -2.73 -0.32 9.05
N THR A 66 -2.09 -1.30 8.42
CA THR A 66 -2.71 -2.12 7.36
C THR A 66 -3.38 -3.35 7.92
N ASN A 67 -4.09 -4.08 7.06
CA ASN A 67 -4.81 -5.30 7.45
C ASN A 67 -4.82 -6.30 6.29
N GLY A 68 -5.55 -7.40 6.44
CA GLY A 68 -5.60 -8.37 5.36
C GLY A 68 -6.95 -8.40 4.64
N ASP A 69 -7.69 -7.26 4.52
CA ASP A 69 -8.92 -7.21 3.78
C ASP A 69 -8.68 -7.70 2.36
N VAL A 70 -7.57 -7.25 1.74
CA VAL A 70 -7.22 -7.65 0.40
C VAL A 70 -5.94 -8.56 0.41
N ALA A 71 -4.99 -8.35 1.35
CA ALA A 71 -3.72 -9.15 1.41
C ALA A 71 -3.08 -9.25 0.05
N VAL A 72 -2.87 -10.46 -0.48
CA VAL A 72 -2.34 -10.53 -1.87
C VAL A 72 -3.35 -11.17 -2.83
N ASP A 73 -4.61 -11.20 -2.35
CA ASP A 73 -5.78 -11.54 -3.18
C ASP A 73 -5.81 -12.95 -3.73
N SER A 74 -5.19 -13.87 -3.04
CA SER A 74 -5.33 -15.26 -3.50
C SER A 74 -6.78 -15.72 -3.52
N TYR A 75 -7.69 -15.03 -2.83
CA TYR A 75 -9.08 -15.47 -2.95
C TYR A 75 -9.51 -15.40 -4.45
N HIS A 76 -9.19 -14.30 -5.15
CA HIS A 76 -9.46 -14.15 -6.62
C HIS A 76 -8.38 -14.66 -7.54
N LEU A 77 -7.11 -14.77 -7.09
CA LEU A 77 -5.99 -15.04 -7.97
C LEU A 77 -5.49 -16.42 -7.76
N TYR A 78 -6.28 -17.25 -7.12
CA TYR A 78 -5.77 -18.60 -6.79
C TYR A 78 -5.28 -19.44 -8.05
N LYS A 79 -5.87 -19.18 -9.21
CA LYS A 79 -5.52 -19.85 -10.46
C LYS A 79 -4.12 -19.48 -10.86
N GLU A 80 -3.76 -18.22 -10.64
CA GLU A 80 -2.35 -17.84 -10.80
C GLU A 80 -1.39 -18.53 -9.84
N ASP A 81 -1.73 -18.59 -8.54
CA ASP A 81 -0.93 -19.26 -7.54
C ASP A 81 -0.75 -20.74 -7.97
N VAL A 82 -1.80 -21.39 -8.44
CA VAL A 82 -1.68 -22.76 -8.89
C VAL A 82 -0.72 -22.91 -10.07
N ASN A 83 -0.76 -21.93 -10.93
CA ASN A 83 0.04 -21.90 -12.09
C ASN A 83 1.51 -21.75 -11.69
N ILE A 84 1.80 -20.77 -10.82
CA ILE A 84 3.14 -20.68 -10.22
C ILE A 84 3.60 -22.02 -9.59
N LEU A 85 2.72 -22.68 -8.84
CA LEU A 85 3.09 -23.88 -8.15
C LEU A 85 3.43 -24.98 -9.15
N LYS A 86 2.69 -25.03 -10.26
CA LYS A 86 2.94 -25.99 -11.34
C LYS A 86 4.34 -25.69 -11.96
N ASN A 87 4.63 -24.44 -12.26
CA ASN A 87 5.92 -24.08 -12.81
C ASN A 87 7.06 -24.37 -11.85
N LEU A 88 6.78 -24.30 -10.55
CA LEU A 88 7.81 -24.46 -9.56
C LEU A 88 8.24 -25.91 -9.49
N GLY A 89 7.34 -26.85 -9.80
CA GLY A 89 7.68 -28.26 -9.89
C GLY A 89 7.83 -29.06 -8.62
N LEU A 90 7.50 -28.49 -7.46
CA LEU A 90 7.62 -29.21 -6.14
C LEU A 90 6.40 -30.05 -5.87
N ASP A 91 6.48 -31.03 -4.96
CA ASP A 91 5.42 -32.05 -4.77
C ASP A 91 4.15 -31.57 -4.07
N ALA A 92 4.26 -30.53 -3.24
CA ALA A 92 3.26 -30.29 -2.26
C ALA A 92 3.09 -28.85 -1.94
N TYR A 93 1.87 -28.53 -1.45
CA TYR A 93 1.57 -27.20 -1.04
C TYR A 93 0.77 -27.27 0.24
N ARG A 94 1.18 -26.45 1.19
CA ARG A 94 0.63 -26.51 2.52
C ARG A 94 -0.17 -25.19 2.63
N PHE A 95 -1.45 -25.24 2.96
CA PHE A 95 -2.17 -23.98 3.12
C PHE A 95 -3.12 -24.27 4.26
N SER A 96 -3.81 -23.23 4.76
CA SER A 96 -4.82 -23.46 5.78
C SER A 96 -6.21 -23.00 5.32
N ILE A 97 -7.22 -23.52 6.00
CA ILE A 97 -8.61 -23.12 5.80
C ILE A 97 -9.01 -22.06 6.75
N SER A 98 -9.64 -21.01 6.24
CA SER A 98 -10.18 -20.02 7.14
C SER A 98 -11.49 -20.54 7.75
N TRP A 99 -11.46 -20.89 9.03
CA TRP A 99 -12.65 -21.27 9.79
C TRP A 99 -13.92 -20.36 9.52
N SER A 100 -13.76 -19.06 9.57
CA SER A 100 -14.92 -18.22 9.42
C SER A 100 -15.40 -17.94 7.96
N ARG A 101 -14.60 -18.41 7.01
CA ARG A 101 -15.00 -18.50 5.63
C ARG A 101 -15.98 -19.65 5.44
N VAL A 102 -15.69 -20.82 5.98
CA VAL A 102 -16.64 -21.88 5.77
C VAL A 102 -17.79 -21.86 6.84
N LEU A 103 -17.49 -21.39 8.04
CA LEU A 103 -18.51 -21.23 9.10
C LEU A 103 -18.49 -19.85 9.63
N PRO A 104 -19.26 -18.94 9.01
CA PRO A 104 -19.07 -17.49 9.36
C PRO A 104 -19.37 -17.18 10.79
N GLY A 105 -20.22 -17.95 11.42
CA GLY A 105 -20.57 -17.69 12.81
C GLY A 105 -19.78 -18.65 13.68
N GLY A 106 -18.82 -19.38 13.11
CA GLY A 106 -17.99 -20.27 13.95
C GLY A 106 -18.58 -21.61 14.29
N ARG A 107 -19.84 -21.58 14.67
CA ARG A 107 -20.57 -22.82 14.97
C ARG A 107 -21.63 -23.14 13.89
N LEU A 108 -22.05 -24.41 13.78
CA LEU A 108 -22.98 -24.87 12.76
C LEU A 108 -24.26 -24.02 12.76
N SER A 109 -24.72 -23.57 13.92
CA SER A 109 -25.96 -22.79 13.97
C SER A 109 -25.83 -21.39 13.37
N GLY A 110 -24.62 -20.97 13.06
CA GLY A 110 -24.41 -19.71 12.42
C GLY A 110 -24.49 -19.80 10.87
N GLY A 111 -24.84 -20.96 10.33
CA GLY A 111 -24.96 -21.15 8.86
C GLY A 111 -23.67 -21.82 8.30
N VAL A 112 -23.83 -22.67 7.31
CA VAL A 112 -22.70 -23.26 6.60
C VAL A 112 -22.56 -22.48 5.30
N ASN A 113 -21.37 -21.92 5.03
CA ASN A 113 -21.21 -21.09 3.84
C ASN A 113 -20.75 -21.90 2.61
N LYS A 114 -21.68 -22.37 1.78
CA LYS A 114 -21.29 -23.09 0.57
C LYS A 114 -20.34 -22.42 -0.38
N GLU A 115 -20.42 -21.10 -0.52
CA GLU A 115 -19.46 -20.48 -1.37
C GLU A 115 -18.00 -20.61 -0.87
N GLY A 116 -17.78 -20.65 0.46
CA GLY A 116 -16.44 -20.79 0.98
C GLY A 116 -16.02 -22.21 0.83
N ILE A 117 -16.94 -23.15 1.01
CA ILE A 117 -16.64 -24.56 0.62
C ILE A 117 -16.26 -24.70 -0.85
N ASN A 118 -16.97 -23.98 -1.75
CA ASN A 118 -16.59 -24.02 -3.18
C ASN A 118 -15.21 -23.50 -3.47
N TYR A 119 -14.81 -22.40 -2.82
CA TYR A 119 -13.42 -21.91 -2.96
C TYR A 119 -12.38 -23.02 -2.69
N TYR A 120 -12.48 -23.68 -1.51
CA TYR A 120 -11.50 -24.65 -1.13
C TYR A 120 -11.52 -25.90 -2.10
N ASN A 121 -12.68 -26.30 -2.53
CA ASN A 121 -12.78 -27.33 -3.52
C ASN A 121 -12.11 -26.97 -4.83
N ASN A 122 -12.28 -25.70 -5.27
CA ASN A 122 -11.64 -25.26 -6.55
C ASN A 122 -10.16 -25.20 -6.38
N LEU A 123 -9.68 -24.73 -5.22
CA LEU A 123 -8.25 -24.67 -4.97
C LEU A 123 -7.73 -26.13 -4.94
N ILE A 124 -8.35 -26.97 -4.15
CA ILE A 124 -7.88 -28.42 -4.08
C ILE A 124 -7.87 -29.16 -5.43
N ASP A 125 -8.98 -29.10 -6.19
CA ASP A 125 -9.01 -29.75 -7.52
C ASP A 125 -8.00 -29.14 -8.49
N GLY A 126 -7.77 -27.82 -8.46
CA GLY A 126 -6.73 -27.22 -9.35
C GLY A 126 -5.33 -27.73 -8.96
N LEU A 127 -5.08 -27.92 -7.65
CA LEU A 127 -3.77 -28.42 -7.21
C LEU A 127 -3.66 -29.86 -7.68
N LEU A 128 -4.68 -30.67 -7.48
CA LEU A 128 -4.62 -32.06 -7.94
C LEU A 128 -4.52 -32.18 -9.47
N ALA A 129 -5.21 -31.32 -10.23
CA ALA A 129 -5.15 -31.42 -11.67
C ALA A 129 -3.69 -31.22 -12.12
N ASN A 130 -2.90 -30.52 -11.33
CA ASN A 130 -1.52 -30.24 -11.68
C ASN A 130 -0.49 -31.14 -10.95
N GLY A 131 -0.91 -32.27 -10.39
CA GLY A 131 0.02 -33.14 -9.66
C GLY A 131 0.57 -32.58 -8.34
N ILE A 132 -0.07 -31.55 -7.75
CA ILE A 132 0.38 -31.04 -6.46
C ILE A 132 -0.40 -31.54 -5.24
N LYS A 133 0.28 -32.12 -4.27
CA LYS A 133 -0.39 -32.68 -3.08
C LYS A 133 -0.75 -31.57 -2.09
N PRO A 134 -2.03 -31.47 -1.73
CA PRO A 134 -2.42 -30.50 -0.72
C PRO A 134 -2.13 -31.01 0.71
N PHE A 135 -1.43 -30.18 1.51
CA PHE A 135 -1.34 -30.44 2.97
C PHE A 135 -2.16 -29.35 3.64
N VAL A 136 -3.15 -29.71 4.44
CA VAL A 136 -4.10 -28.64 4.84
C VAL A 136 -4.11 -28.48 6.35
N THR A 137 -3.93 -27.27 6.79
CA THR A 137 -4.03 -26.98 8.21
C THR A 137 -5.40 -26.37 8.53
N LEU A 138 -6.09 -26.93 9.54
CA LEU A 138 -7.40 -26.45 10.01
C LEU A 138 -7.31 -25.06 10.65
N PHE A 139 -6.26 -24.81 11.43
CA PHE A 139 -6.31 -23.55 12.21
C PHE A 139 -4.97 -22.83 12.25
N HIS A 140 -4.99 -21.57 11.82
CA HIS A 140 -3.83 -20.72 11.86
C HIS A 140 -4.22 -19.38 12.40
N TRP A 141 -4.72 -19.38 13.63
CA TRP A 141 -4.88 -18.22 14.48
C TRP A 141 -6.10 -17.42 14.18
N ASP A 142 -6.83 -17.77 13.11
CA ASP A 142 -7.93 -16.91 12.68
C ASP A 142 -9.25 -17.41 13.29
N VAL A 143 -9.33 -17.37 14.62
CA VAL A 143 -10.56 -17.73 15.40
C VAL A 143 -11.69 -16.81 14.90
N PRO A 144 -12.87 -17.41 14.60
CA PRO A 144 -14.06 -16.60 14.25
C PRO A 144 -14.41 -15.65 15.36
N GLN A 145 -14.63 -14.39 15.02
CA GLN A 145 -15.02 -13.40 16.01
C GLN A 145 -16.32 -13.76 16.80
N ALA A 146 -17.27 -14.45 16.17
CA ALA A 146 -18.49 -14.79 16.84
C ALA A 146 -18.18 -15.63 18.07
N LEU A 147 -17.20 -16.55 18.01
CA LEU A 147 -16.91 -17.48 19.08
C LEU A 147 -16.07 -16.72 20.14
N GLU A 148 -15.29 -15.75 19.68
CA GLU A 148 -14.50 -14.95 20.59
C GLU A 148 -15.45 -14.15 21.46
N ASP A 149 -16.44 -13.51 20.83
CA ASP A 149 -17.36 -12.59 21.46
C ASP A 149 -18.36 -13.39 22.35
N GLU A 150 -18.77 -14.58 21.92
CA GLU A 150 -19.75 -15.29 22.66
C GLU A 150 -19.17 -15.83 23.98
N TYR A 151 -18.02 -16.48 23.97
CA TYR A 151 -17.51 -17.07 25.18
C TYR A 151 -15.97 -16.97 25.38
N GLY A 152 -15.32 -16.00 24.69
CA GLY A 152 -13.86 -15.77 24.71
C GLY A 152 -12.98 -16.77 23.96
N GLY A 153 -13.53 -17.46 22.96
CA GLY A 153 -12.71 -18.28 22.09
C GLY A 153 -11.92 -19.29 22.84
N PHE A 154 -10.59 -19.31 22.64
CA PHE A 154 -9.77 -20.39 23.24
C PHE A 154 -9.56 -20.27 24.76
N LEU A 155 -10.02 -19.15 25.32
CA LEU A 155 -10.16 -19.04 26.79
C LEU A 155 -11.19 -19.94 27.38
N SER A 156 -12.11 -20.50 26.59
CA SER A 156 -13.18 -21.32 27.15
C SER A 156 -13.10 -22.75 26.64
N PRO A 157 -13.41 -23.72 27.50
CA PRO A 157 -13.41 -25.09 26.97
C PRO A 157 -14.54 -25.33 25.96
N ARG A 158 -15.49 -24.38 25.84
CA ARG A 158 -16.54 -24.52 24.77
C ARG A 158 -15.92 -24.63 23.37
N ILE A 159 -14.71 -24.09 23.20
CA ILE A 159 -14.05 -24.07 21.92
C ILE A 159 -13.78 -25.48 21.37
N VAL A 160 -13.76 -26.47 22.24
CA VAL A 160 -13.31 -27.83 21.83
C VAL A 160 -14.38 -28.44 20.93
N ASP A 161 -15.63 -28.24 21.31
CA ASP A 161 -16.78 -28.81 20.62
C ASP A 161 -17.02 -28.09 19.30
N ASP A 162 -16.90 -26.77 19.30
CA ASP A 162 -16.99 -26.01 18.08
C ASP A 162 -15.89 -26.33 17.12
N PHE A 163 -14.66 -26.48 17.63
CA PHE A 163 -13.56 -26.77 16.77
C PHE A 163 -13.77 -28.17 16.16
N CYS A 164 -14.41 -29.07 16.89
CA CYS A 164 -14.67 -30.44 16.30
C CYS A 164 -15.75 -30.42 15.23
N GLU A 165 -16.82 -29.59 15.40
CA GLU A 165 -17.84 -29.48 14.40
C GLU A 165 -17.13 -28.98 13.09
N TYR A 166 -16.22 -28.01 13.21
CA TYR A 166 -15.56 -27.41 12.10
C TYR A 166 -14.64 -28.48 11.42
N ALA A 167 -13.94 -29.27 12.24
CA ALA A 167 -12.99 -30.23 11.68
C ALA A 167 -13.77 -31.30 10.92
N GLU A 168 -14.90 -31.70 11.44
CA GLU A 168 -15.76 -32.67 10.80
C GLU A 168 -16.29 -32.18 9.43
N LEU A 169 -16.77 -30.93 9.36
CA LEU A 169 -17.15 -30.32 8.10
C LEU A 169 -16.00 -30.45 7.09
N CYS A 170 -14.75 -30.10 7.49
CA CYS A 170 -13.61 -30.18 6.56
C CYS A 170 -13.35 -31.60 6.12
N PHE A 171 -13.36 -32.57 7.04
CA PHE A 171 -13.05 -33.94 6.65
C PHE A 171 -14.10 -34.45 5.68
N TRP A 172 -15.37 -34.14 5.97
CA TRP A 172 -16.49 -34.56 5.17
C TRP A 172 -16.40 -34.01 3.74
N GLU A 173 -16.19 -32.71 3.59
CA GLU A 173 -16.13 -32.06 2.28
C GLU A 173 -14.85 -32.38 1.54
N PHE A 174 -13.68 -32.46 2.22
CA PHE A 174 -12.44 -32.40 1.43
C PHE A 174 -11.61 -33.71 1.53
N GLY A 175 -12.02 -34.60 2.45
CA GLY A 175 -11.23 -35.75 2.94
C GLY A 175 -11.10 -36.77 1.84
N ASP A 176 -12.02 -36.78 0.86
CA ASP A 176 -11.84 -37.61 -0.32
C ASP A 176 -10.63 -37.26 -1.12
N ARG A 177 -10.15 -36.00 -1.05
CA ARG A 177 -8.96 -35.63 -1.83
C ARG A 177 -7.74 -35.20 -0.96
N VAL A 178 -7.97 -34.60 0.21
CA VAL A 178 -6.87 -34.18 1.11
C VAL A 178 -6.56 -35.40 2.00
N LYS A 179 -5.33 -35.90 1.93
CA LYS A 179 -4.90 -37.06 2.71
C LYS A 179 -3.91 -36.68 3.83
N HIS A 180 -3.53 -35.41 3.94
CA HIS A 180 -2.64 -34.95 4.99
C HIS A 180 -3.20 -33.73 5.65
N TRP A 181 -3.56 -33.87 6.95
CA TRP A 181 -4.19 -32.82 7.74
C TRP A 181 -3.34 -32.40 8.93
N MET A 182 -3.45 -31.14 9.33
CA MET A 182 -2.80 -30.70 10.54
C MET A 182 -3.89 -29.95 11.25
N THR A 183 -4.05 -30.22 12.55
CA THR A 183 -5.09 -29.52 13.34
C THR A 183 -4.64 -28.11 13.55
N LEU A 184 -3.42 -27.93 14.11
CA LEU A 184 -2.95 -26.55 14.45
C LEU A 184 -1.58 -26.26 13.88
N ASN A 185 -1.32 -24.98 13.60
CA ASN A 185 -0.02 -24.55 13.20
C ASN A 185 0.49 -23.49 14.13
N GLN A 186 1.71 -23.73 14.65
CA GLN A 186 2.39 -22.83 15.58
C GLN A 186 1.51 -22.30 16.68
N PRO A 187 0.87 -23.18 17.42
CA PRO A 187 -0.01 -22.69 18.50
C PRO A 187 0.72 -21.90 19.61
N TRP A 188 2.02 -22.20 19.79
CA TRP A 188 2.89 -21.49 20.72
C TRP A 188 2.76 -20.01 20.47
N THR A 189 2.81 -19.61 19.21
CA THR A 189 2.93 -18.17 18.93
C THR A 189 1.60 -17.54 19.23
N PHE A 190 0.52 -18.33 19.07
CA PHE A 190 -0.82 -17.81 19.22
C PHE A 190 -1.04 -17.49 20.69
N SER A 191 -0.79 -18.51 21.48
CA SER A 191 -0.84 -18.45 22.93
C SER A 191 0.03 -17.33 23.53
N VAL A 192 1.31 -17.30 23.14
CA VAL A 192 2.19 -16.29 23.72
C VAL A 192 1.96 -14.83 23.29
N HIS A 193 1.78 -14.57 22.00
CA HIS A 193 1.66 -13.21 21.56
C HIS A 193 0.27 -12.75 21.63
N GLY A 194 -0.68 -13.71 21.70
CA GLY A 194 -2.05 -13.31 21.88
C GLY A 194 -2.40 -13.00 23.33
N TYR A 195 -1.76 -13.76 24.26
CA TYR A 195 -2.20 -13.73 25.67
C TYR A 195 -1.18 -13.34 26.79
N ALA A 196 0.11 -13.46 26.47
CA ALA A 196 1.24 -13.08 27.30
C ALA A 196 1.75 -11.70 26.88
N THR A 197 2.21 -11.49 25.63
CA THR A 197 2.69 -10.15 25.24
C THR A 197 1.59 -9.18 24.79
N GLY A 198 0.47 -9.75 24.30
CA GLY A 198 -0.59 -8.97 23.68
C GLY A 198 -0.26 -8.29 22.37
N LEU A 199 0.76 -8.78 21.66
CA LEU A 199 1.17 -8.11 20.41
C LEU A 199 0.32 -8.57 19.20
N TYR A 200 -0.21 -9.81 19.28
CA TYR A 200 -1.03 -10.40 18.26
C TYR A 200 -2.47 -10.52 18.80
N ALA A 201 -3.42 -10.80 17.90
CA ALA A 201 -4.83 -10.85 18.23
C ALA A 201 -5.00 -12.04 19.16
N PRO A 202 -5.85 -11.92 20.21
CA PRO A 202 -6.81 -10.81 20.49
C PRO A 202 -6.23 -9.64 21.22
N GLY A 203 -4.93 -9.61 21.40
CA GLY A 203 -4.27 -8.48 21.93
C GLY A 203 -4.50 -8.32 23.43
N ARG A 204 -4.27 -9.38 24.21
CA ARG A 204 -4.43 -9.21 25.67
C ARG A 204 -3.16 -9.55 26.47
N GLY A 205 -3.15 -9.20 27.72
CA GLY A 205 -2.07 -9.58 28.62
C GLY A 205 -1.10 -8.45 28.93
N ARG A 206 -1.56 -7.22 28.91
CA ARG A 206 -0.71 -6.06 29.17
C ARG A 206 -1.41 -4.93 28.46
N SER A 231 -12.86 -9.09 32.57
CA SER A 231 -11.42 -8.93 32.75
C SER A 231 -10.66 -8.45 31.47
N THR A 232 -9.42 -8.01 31.65
CA THR A 232 -8.66 -7.41 30.55
C THR A 232 -7.41 -8.23 30.05
N GLY A 233 -7.14 -9.38 30.68
CA GLY A 233 -5.96 -10.15 30.36
C GLY A 233 -5.08 -10.35 31.58
N ASN A 234 -4.33 -11.43 31.56
CA ASN A 234 -3.48 -11.77 32.63
C ASN A 234 -2.44 -12.78 32.07
N PRO A 235 -1.21 -12.29 31.81
CA PRO A 235 -0.15 -13.09 31.19
C PRO A 235 0.32 -14.20 32.08
N GLY A 236 -0.11 -14.22 33.37
CA GLY A 236 0.24 -15.27 34.27
C GLY A 236 -0.64 -16.49 34.18
N THR A 237 -1.87 -16.31 33.72
CA THR A 237 -2.82 -17.43 33.73
C THR A 237 -3.33 -17.78 32.31
N GLU A 238 -3.70 -16.74 31.56
CA GLU A 238 -4.42 -16.90 30.27
C GLU A 238 -3.63 -17.73 29.22
N PRO A 239 -2.31 -17.46 29.07
CA PRO A 239 -1.60 -18.30 28.09
C PRO A 239 -1.71 -19.73 28.44
N TYR A 240 -1.77 -20.07 29.73
CA TYR A 240 -1.72 -21.49 30.10
C TYR A 240 -3.07 -22.15 29.81
N TRP A 241 -4.19 -21.37 29.93
CA TRP A 241 -5.52 -21.87 29.67
C TRP A 241 -5.70 -22.10 28.16
N VAL A 242 -5.30 -21.08 27.39
CA VAL A 242 -5.35 -21.10 25.95
C VAL A 242 -4.63 -22.30 25.40
N THR A 243 -3.41 -22.52 25.89
CA THR A 243 -2.62 -23.66 25.38
C THR A 243 -3.31 -24.95 25.72
N HIS A 244 -3.90 -24.96 26.91
CA HIS A 244 -4.54 -26.17 27.46
C HIS A 244 -5.74 -26.55 26.58
N HIS A 245 -6.51 -25.53 26.17
CA HIS A 245 -7.66 -25.70 25.26
C HIS A 245 -7.24 -26.01 23.81
N LEU A 246 -6.16 -25.38 23.34
CA LEU A 246 -5.55 -25.76 22.05
C LEU A 246 -5.22 -27.23 22.03
N LEU A 247 -4.61 -27.74 23.09
CA LEU A 247 -4.23 -29.18 23.07
C LEU A 247 -5.46 -30.08 23.11
N LEU A 248 -6.51 -29.62 23.80
CA LEU A 248 -7.71 -30.46 23.92
C LEU A 248 -8.47 -30.45 22.57
N ALA A 249 -8.62 -29.26 21.96
CA ALA A 249 -9.14 -29.09 20.58
C ALA A 249 -8.36 -30.01 19.63
N HIS A 250 -7.04 -29.93 19.65
CA HIS A 250 -6.27 -30.84 18.84
C HIS A 250 -6.61 -32.29 19.05
N ALA A 251 -6.67 -32.70 20.33
CA ALA A 251 -6.84 -34.16 20.64
C ALA A 251 -8.25 -34.63 20.28
N ALA A 252 -9.25 -33.81 20.60
CA ALA A 252 -10.64 -34.17 20.25
C ALA A 252 -10.76 -34.30 18.70
N ALA A 253 -10.20 -33.36 17.92
CA ALA A 253 -10.22 -33.46 16.42
C ALA A 253 -9.48 -34.69 15.89
N VAL A 254 -8.37 -35.08 16.54
CA VAL A 254 -7.63 -36.28 16.10
C VAL A 254 -8.44 -37.55 16.39
N GLU A 255 -9.08 -37.60 17.55
CA GLU A 255 -9.83 -38.78 17.85
C GLU A 255 -11.03 -38.88 16.85
N LEU A 256 -11.64 -37.74 16.55
CA LEU A 256 -12.71 -37.64 15.57
C LEU A 256 -12.22 -38.11 14.23
N TYR A 257 -11.03 -37.69 13.83
CA TYR A 257 -10.57 -38.13 12.54
C TYR A 257 -10.36 -39.63 12.50
N LYS A 258 -9.73 -40.14 13.56
CA LYS A 258 -9.30 -41.53 13.65
C LYS A 258 -10.45 -42.49 13.77
N ASN A 259 -11.45 -42.12 14.55
CA ASN A 259 -12.62 -42.98 14.69
C ASN A 259 -13.64 -42.88 13.61
N LYS A 260 -13.74 -41.73 12.93
CA LYS A 260 -14.88 -41.50 12.01
C LYS A 260 -14.57 -41.32 10.52
N PHE A 261 -13.31 -41.17 10.13
CA PHE A 261 -12.93 -40.79 8.81
C PHE A 261 -11.77 -41.59 8.27
N GLN A 262 -10.88 -42.07 9.15
CA GLN A 262 -9.56 -42.54 8.67
C GLN A 262 -9.68 -43.80 7.90
N ARG A 263 -10.57 -44.69 8.32
CA ARG A 263 -10.73 -45.89 7.57
C ARG A 263 -11.37 -45.69 6.17
N GLY A 264 -12.46 -44.90 6.06
CA GLY A 264 -13.01 -44.58 4.73
C GLY A 264 -12.06 -43.69 3.88
N GLN A 265 -11.40 -42.68 4.46
CA GLN A 265 -10.58 -41.76 3.68
C GLN A 265 -9.11 -42.10 3.54
N GLU A 266 -8.58 -42.92 4.47
CA GLU A 266 -7.17 -43.32 4.49
C GLU A 266 -6.15 -42.17 4.47
N GLY A 267 -6.45 -41.05 5.13
CA GLY A 267 -5.43 -40.01 5.26
C GLY A 267 -4.70 -40.07 6.59
N GLN A 268 -3.94 -39.02 6.86
CA GLN A 268 -3.20 -38.90 8.08
C GLN A 268 -3.36 -37.59 8.69
N ILE A 269 -3.21 -37.54 9.99
CA ILE A 269 -3.39 -36.24 10.70
C ILE A 269 -2.22 -35.95 11.68
N GLY A 270 -1.85 -34.67 11.79
CA GLY A 270 -0.86 -34.25 12.75
C GLY A 270 -0.99 -32.83 13.17
N ILE A 271 0.14 -32.21 13.46
CA ILE A 271 0.19 -30.90 14.08
C ILE A 271 1.58 -30.31 13.85
N SER A 272 1.68 -28.99 13.87
CA SER A 272 2.92 -28.29 13.59
C SER A 272 3.31 -27.31 14.71
N HIS A 273 4.57 -27.41 15.18
CA HIS A 273 4.99 -26.63 16.37
C HIS A 273 6.07 -25.65 16.08
N ALA A 274 6.00 -24.51 16.74
CA ALA A 274 7.08 -23.51 16.68
C ALA A 274 8.30 -24.11 17.40
N THR A 275 9.49 -23.89 16.85
CA THR A 275 10.73 -24.29 17.51
C THR A 275 11.75 -23.25 17.30
N GLN A 276 12.64 -23.09 18.26
CA GLN A 276 13.79 -22.18 18.14
C GLN A 276 14.89 -22.92 18.84
N TRP A 277 16.03 -23.11 18.21
CA TRP A 277 17.17 -23.81 18.91
C TRP A 277 17.73 -23.03 20.08
N MET A 278 17.84 -23.73 21.20
CA MET A 278 18.29 -23.14 22.49
C MET A 278 19.72 -23.68 22.82
N GLU A 279 20.70 -22.80 22.76
CA GLU A 279 22.13 -23.17 22.99
C GLU A 279 22.58 -22.56 24.37
N PRO A 280 23.17 -23.42 25.25
CA PRO A 280 23.79 -23.02 26.57
C PRO A 280 24.79 -21.90 26.30
N TRP A 281 24.60 -20.72 26.91
CA TRP A 281 25.49 -19.58 26.64
C TRP A 281 26.96 -19.92 26.80
N ASP A 282 27.27 -20.61 27.91
CA ASP A 282 28.57 -21.18 28.21
C ASP A 282 28.47 -22.69 28.15
N GLU A 283 29.08 -23.29 27.13
CA GLU A 283 29.10 -24.77 26.96
C GLU A 283 29.28 -25.59 28.22
N ASN A 284 29.99 -25.03 29.21
CA ASN A 284 30.40 -25.72 30.45
C ASN A 284 29.48 -25.50 31.64
N SER A 285 29.17 -24.25 31.98
CA SER A 285 28.17 -23.94 33.02
C SER A 285 26.94 -24.90 32.97
N ALA A 286 26.89 -25.89 33.87
CA ALA A 286 25.77 -26.85 33.96
C ALA A 286 24.46 -26.09 34.31
N SER A 287 24.60 -24.91 34.91
CA SER A 287 23.45 -24.04 35.14
C SER A 287 22.89 -23.55 33.76
N ASP A 288 23.79 -23.27 32.82
CA ASP A 288 23.45 -22.87 31.46
C ASP A 288 22.83 -24.03 30.65
N VAL A 289 23.38 -25.24 30.78
CA VAL A 289 22.85 -26.41 30.09
C VAL A 289 21.41 -26.70 30.52
N GLU A 290 21.11 -26.34 31.75
CA GLU A 290 19.83 -26.62 32.33
C GLU A 290 18.82 -25.53 31.93
N ALA A 291 19.27 -24.28 31.86
CA ALA A 291 18.47 -23.15 31.39
C ALA A 291 17.97 -23.37 29.93
N ALA A 292 18.88 -23.84 29.07
CA ALA A 292 18.57 -24.25 27.71
C ALA A 292 17.52 -25.35 27.65
N ALA A 293 17.66 -26.43 28.42
CA ALA A 293 16.63 -27.50 28.39
C ALA A 293 15.28 -27.00 28.90
N ARG A 294 15.28 -25.94 29.70
CA ARG A 294 14.06 -25.49 30.31
C ARG A 294 13.40 -24.56 29.27
N ALA A 295 14.23 -23.83 28.52
CA ALA A 295 13.69 -22.96 27.49
C ALA A 295 13.00 -23.84 26.40
N LEU A 296 13.66 -24.90 26.01
CA LEU A 296 13.03 -25.88 25.16
C LEU A 296 11.74 -26.38 25.76
N ASP A 297 11.74 -26.66 27.06
CA ASP A 297 10.60 -27.28 27.72
C ASP A 297 9.36 -26.35 27.60
N PHE A 298 9.57 -25.06 27.82
CA PHE A 298 8.53 -24.06 27.83
C PHE A 298 8.07 -23.63 26.41
N MET A 299 8.84 -23.97 25.36
CA MET A 299 8.43 -23.65 24.05
C MET A 299 7.86 -24.88 23.36
N LEU A 300 8.71 -25.86 23.11
CA LEU A 300 8.35 -27.10 22.48
C LEU A 300 7.69 -28.09 23.47
N GLY A 301 8.18 -28.14 24.71
CA GLY A 301 7.80 -29.29 25.57
C GLY A 301 6.35 -29.08 26.01
N TRP A 302 6.03 -27.80 26.18
CA TRP A 302 4.69 -27.39 26.51
C TRP A 302 3.65 -28.08 25.65
N PHE A 303 3.95 -28.23 24.35
CA PHE A 303 3.03 -28.93 23.40
C PHE A 303 3.34 -30.42 23.20
N MET A 304 4.64 -30.77 23.22
CA MET A 304 5.05 -32.06 22.75
C MET A 304 4.90 -33.08 23.85
N GLU A 305 5.15 -32.69 25.10
CA GLU A 305 5.03 -33.67 26.20
C GLU A 305 3.59 -34.18 26.35
N PRO A 306 2.58 -33.25 26.37
CA PRO A 306 1.17 -33.70 26.45
C PRO A 306 0.77 -34.72 25.36
N ILE A 307 1.25 -34.58 24.14
CA ILE A 307 0.90 -35.59 23.15
C ILE A 307 1.83 -36.79 23.18
N THR A 308 2.83 -36.73 24.05
CA THR A 308 3.72 -37.90 24.19
C THR A 308 3.36 -38.76 25.40
N SER A 309 3.20 -38.13 26.55
CA SER A 309 3.01 -38.89 27.78
C SER A 309 1.74 -38.50 28.46
N GLY A 310 0.99 -37.56 27.90
CA GLY A 310 -0.23 -37.21 28.55
C GLY A 310 -0.06 -36.10 29.57
N ASP A 311 1.14 -35.59 29.78
CA ASP A 311 1.23 -34.53 30.80
C ASP A 311 2.16 -33.41 30.37
N TYR A 312 2.12 -32.26 31.06
CA TYR A 312 3.04 -31.17 30.85
C TYR A 312 4.45 -31.57 31.29
N PRO A 313 5.51 -30.88 30.80
CA PRO A 313 6.85 -31.31 31.31
C PRO A 313 7.10 -30.93 32.82
N LYS A 314 7.97 -31.73 33.44
CA LYS A 314 8.37 -31.54 34.84
C LYS A 314 8.77 -30.09 35.15
N SER A 315 9.66 -29.47 34.36
CA SER A 315 10.09 -28.11 34.69
C SER A 315 8.96 -27.14 34.79
N MET A 316 7.94 -27.35 33.97
CA MET A 316 6.83 -26.38 33.91
C MET A 316 5.94 -26.50 35.12
N LYS A 317 5.71 -27.75 35.52
CA LYS A 317 4.95 -28.00 36.76
C LYS A 317 5.64 -27.33 37.96
N LYS A 318 6.95 -27.57 38.05
CA LYS A 318 7.80 -26.97 39.07
C LYS A 318 7.74 -25.44 39.03
N PHE A 319 8.03 -24.80 37.89
CA PHE A 319 8.10 -23.31 37.94
C PHE A 319 6.78 -22.60 37.83
N VAL A 320 5.72 -23.29 37.35
CA VAL A 320 4.44 -22.59 37.14
C VAL A 320 3.53 -22.91 38.28
N GLY A 321 3.63 -24.17 38.73
CA GLY A 321 2.93 -24.64 39.91
C GLY A 321 1.45 -24.71 39.72
N SER A 322 0.74 -24.10 40.65
CA SER A 322 -0.71 -24.25 40.72
C SER A 322 -1.43 -23.50 39.58
N ARG A 323 -0.80 -22.48 38.99
CA ARG A 323 -1.31 -21.84 37.77
C ARG A 323 -1.34 -22.74 36.49
N LEU A 324 -0.79 -23.95 36.53
CA LEU A 324 -0.72 -24.78 35.36
C LEU A 324 -1.85 -25.83 35.44
N PRO A 325 -2.80 -25.86 34.46
CA PRO A 325 -4.00 -26.73 34.57
C PRO A 325 -3.64 -28.19 34.50
N LYS A 326 -4.54 -29.06 34.92
CA LYS A 326 -4.20 -30.47 34.90
C LYS A 326 -5.13 -31.18 33.96
N PHE A 327 -4.66 -32.27 33.40
CA PHE A 327 -5.48 -33.08 32.57
C PHE A 327 -6.21 -34.07 33.45
N SER A 328 -7.50 -34.28 33.26
CA SER A 328 -8.15 -35.46 33.81
C SER A 328 -7.51 -36.68 33.13
N PRO A 329 -7.66 -37.87 33.73
CA PRO A 329 -7.09 -39.06 33.06
C PRO A 329 -7.72 -39.43 31.72
N GLU A 330 -9.01 -39.12 31.51
CA GLU A 330 -9.65 -39.29 30.18
C GLU A 330 -8.92 -38.37 29.18
N GLN A 331 -8.81 -37.07 29.51
CA GLN A 331 -8.00 -36.17 28.69
C GLN A 331 -6.59 -36.71 28.38
N SER A 332 -5.82 -37.08 29.40
CA SER A 332 -4.50 -37.65 29.15
C SER A 332 -4.51 -38.82 28.19
N LYS A 333 -5.50 -39.69 28.35
CA LYS A 333 -5.59 -40.91 27.51
C LYS A 333 -5.86 -40.48 26.04
N MET A 334 -6.71 -39.45 25.85
CA MET A 334 -7.02 -38.87 24.54
C MET A 334 -5.77 -38.23 23.91
N LEU A 335 -5.01 -37.42 24.68
CA LEU A 335 -3.80 -36.75 24.20
C LEU A 335 -2.64 -37.63 23.80
N LYS A 336 -2.45 -38.74 24.49
CA LYS A 336 -1.18 -39.46 24.39
C LYS A 336 -1.16 -40.08 23.00
N GLY A 337 -0.15 -39.78 22.17
CA GLY A 337 -0.07 -40.44 20.84
C GLY A 337 -1.09 -39.89 19.81
N SER A 338 -1.60 -38.67 20.02
CA SER A 338 -2.65 -38.09 19.21
C SER A 338 -2.07 -37.43 17.91
N TYR A 339 -1.43 -38.24 17.06
CA TYR A 339 -0.83 -37.73 15.82
C TYR A 339 -0.33 -38.86 14.99
N ASP A 340 -0.26 -38.68 13.68
CA ASP A 340 0.37 -39.64 12.78
C ASP A 340 1.73 -39.14 12.34
N PHE A 341 1.94 -37.83 12.45
CA PHE A 341 3.20 -37.21 12.13
C PHE A 341 3.23 -35.91 12.90
N VAL A 342 4.41 -35.34 13.08
CA VAL A 342 4.55 -34.00 13.64
C VAL A 342 5.31 -33.11 12.67
N GLY A 343 4.95 -31.86 12.59
CA GLY A 343 5.70 -30.91 11.77
C GLY A 343 6.40 -29.92 12.64
N LEU A 344 7.62 -29.53 12.24
CA LEU A 344 8.32 -28.51 12.97
C LEU A 344 8.63 -27.31 12.11
N ASN A 345 8.51 -26.15 12.71
CA ASN A 345 8.82 -24.96 12.04
C ASN A 345 10.07 -24.42 12.74
N TYR A 346 11.09 -24.03 11.95
CA TYR A 346 12.36 -23.57 12.47
C TYR A 346 12.81 -22.32 11.72
N TYR A 347 13.10 -21.26 12.45
CA TYR A 347 13.72 -20.08 11.86
C TYR A 347 15.14 -19.72 12.41
N THR A 348 15.29 -19.79 13.73
CA THR A 348 16.46 -19.22 14.39
C THR A 348 16.88 -19.94 15.69
N ALA A 349 17.84 -19.35 16.40
CA ALA A 349 18.51 -19.99 17.56
C ALA A 349 18.94 -18.93 18.50
N SER A 350 19.13 -19.35 19.75
CA SER A 350 19.77 -18.40 20.64
C SER A 350 20.54 -19.02 21.80
N TYR A 351 21.38 -18.18 22.46
CA TYR A 351 22.05 -18.63 23.67
C TYR A 351 21.11 -18.39 24.85
N VAL A 352 21.10 -19.39 25.74
CA VAL A 352 20.36 -19.26 26.99
C VAL A 352 21.23 -19.28 28.27
N THR A 353 20.93 -18.34 29.15
CA THR A 353 21.41 -18.40 30.52
C THR A 353 20.31 -18.30 31.58
N ASN A 354 20.65 -18.53 32.86
CA ASN A 354 19.70 -18.41 33.96
C ASN A 354 19.27 -16.97 34.26
N ALA A 355 18.09 -16.78 34.84
CA ALA A 355 17.69 -15.40 35.25
C ALA A 355 18.11 -15.13 36.72
N SER A 356 18.20 -13.85 37.12
CA SER A 356 18.65 -13.45 38.49
C SER A 356 18.08 -14.23 39.73
N ASN A 364 3.22 -8.62 38.26
CA ASN A 364 3.53 -9.81 39.05
C ASN A 364 3.86 -11.06 38.17
N PHE A 365 3.01 -12.09 38.14
CA PHE A 365 3.31 -13.31 37.33
C PHE A 365 3.15 -13.13 35.80
N SER A 366 3.93 -13.89 35.03
CA SER A 366 3.96 -13.81 33.56
C SER A 366 4.57 -15.05 32.95
N TYR A 367 3.99 -15.53 31.85
CA TYR A 367 4.58 -16.66 31.14
C TYR A 367 6.08 -16.39 30.90
N ASN A 368 6.39 -15.16 30.54
CA ASN A 368 7.74 -14.78 30.12
C ASN A 368 8.72 -14.95 31.27
N THR A 369 8.39 -14.39 32.44
CA THR A 369 9.18 -14.60 33.68
C THR A 369 9.16 -16.01 34.24
N ASP A 370 8.10 -16.80 33.98
CA ASP A 370 8.06 -18.17 34.49
C ASP A 370 9.18 -19.03 33.96
N ILE A 371 9.71 -18.69 32.80
CA ILE A 371 10.75 -19.54 32.21
C ILE A 371 12.05 -19.42 33.04
N HIS A 372 12.27 -18.26 33.67
CA HIS A 372 13.53 -18.03 34.43
C HIS A 372 14.73 -18.34 33.58
N VAL A 373 14.76 -17.71 32.42
CA VAL A 373 15.96 -17.78 31.59
C VAL A 373 16.13 -16.39 31.07
N THR A 374 17.36 -16.08 30.63
CA THR A 374 17.68 -14.90 29.85
C THR A 374 18.26 -15.34 28.52
N TYR A 375 17.87 -14.61 27.48
CA TYR A 375 18.31 -14.87 26.09
C TYR A 375 19.48 -13.95 25.73
N GLU A 376 20.52 -14.59 25.19
CA GLU A 376 21.69 -13.88 24.68
C GLU A 376 21.90 -14.22 23.21
N THR A 377 22.21 -13.18 22.43
CA THR A 377 22.60 -13.31 21.01
C THR A 377 24.12 -13.55 20.70
N ASP A 378 25.04 -12.96 21.49
CA ASP A 378 26.51 -13.19 21.33
C ASP A 378 27.25 -13.90 22.43
N ARG A 379 28.25 -14.68 22.02
CA ARG A 379 29.29 -15.26 22.88
C ARG A 379 30.56 -14.43 22.67
N ASN A 380 30.74 -13.40 23.50
CA ASN A 380 31.96 -12.57 23.54
C ASN A 380 32.06 -11.64 22.35
N GLY A 381 30.98 -10.89 22.13
CA GLY A 381 30.83 -10.02 20.96
C GLY A 381 30.66 -10.67 19.57
N VAL A 382 30.79 -12.01 19.48
CA VAL A 382 30.44 -12.80 18.26
C VAL A 382 28.94 -13.29 18.27
N PRO A 383 28.05 -12.68 17.41
CA PRO A 383 26.63 -13.15 17.33
C PRO A 383 26.54 -14.64 16.95
N ILE A 384 25.50 -15.32 17.44
CA ILE A 384 25.29 -16.75 17.09
C ILE A 384 25.24 -16.93 15.54
N GLY A 385 24.74 -15.90 14.83
CA GLY A 385 24.73 -15.86 13.39
C GLY A 385 24.39 -14.44 12.96
N PRO A 386 24.49 -14.16 11.64
CA PRO A 386 24.06 -12.83 11.06
C PRO A 386 22.55 -12.64 11.06
N GLN A 387 22.15 -11.38 11.16
CA GLN A 387 20.80 -10.93 10.96
C GLN A 387 20.32 -11.07 9.51
N SER A 388 19.04 -11.40 9.42
CA SER A 388 18.29 -11.39 8.18
C SER A 388 17.76 -9.98 8.12
N GLY A 389 16.65 -9.74 7.42
CA GLY A 389 16.04 -8.40 7.42
C GLY A 389 15.35 -8.12 8.77
N SER A 390 15.12 -9.15 9.59
CA SER A 390 14.55 -8.92 10.94
C SER A 390 15.56 -9.10 12.06
N ASP A 391 15.58 -8.20 13.03
CA ASP A 391 16.63 -8.29 14.10
C ASP A 391 16.55 -9.52 15.02
N TRP A 392 15.34 -10.10 15.18
CA TRP A 392 15.16 -11.35 15.95
C TRP A 392 15.60 -12.57 15.19
N LEU A 393 15.82 -12.47 13.88
CA LEU A 393 16.09 -13.70 13.14
C LEU A 393 17.60 -13.85 12.78
N LEU A 394 18.28 -14.76 13.48
CA LEU A 394 19.73 -14.85 13.31
C LEU A 394 19.99 -16.12 12.61
N ILE A 395 20.80 -16.04 11.58
CA ILE A 395 20.89 -17.20 10.73
C ILE A 395 21.80 -18.21 11.38
N TYR A 396 21.28 -19.40 11.69
CA TYR A 396 22.00 -20.46 12.34
C TYR A 396 21.58 -21.84 11.83
N PRO A 397 22.07 -22.22 10.65
CA PRO A 397 21.58 -23.48 10.00
C PRO A 397 21.69 -24.73 10.82
N GLU A 398 22.67 -24.79 11.73
CA GLU A 398 22.97 -26.03 12.49
C GLU A 398 21.79 -26.28 13.48
N GLY A 399 21.19 -25.14 13.88
CA GLY A 399 19.90 -25.10 14.66
C GLY A 399 18.83 -26.11 14.23
N ILE A 400 18.57 -26.20 12.93
CA ILE A 400 17.59 -27.17 12.43
C ILE A 400 18.07 -28.61 12.57
N ARG A 401 19.35 -28.86 12.37
CA ARG A 401 19.85 -30.25 12.58
C ARG A 401 19.70 -30.67 14.06
N LYS A 402 20.10 -29.78 14.95
CA LYS A 402 19.93 -30.03 16.40
C LYS A 402 18.46 -30.16 16.87
N ILE A 403 17.58 -29.21 16.44
CA ILE A 403 16.15 -29.25 16.86
C ILE A 403 15.50 -30.57 16.40
N LEU A 404 15.96 -31.10 15.26
CA LEU A 404 15.39 -32.31 14.73
C LEU A 404 15.84 -33.54 15.48
N VAL A 405 17.15 -33.61 15.75
CA VAL A 405 17.74 -34.70 16.53
C VAL A 405 17.19 -34.64 17.97
N TYR A 406 17.12 -33.45 18.56
CA TYR A 406 16.53 -33.35 19.89
C TYR A 406 15.13 -33.93 19.99
N THR A 407 14.27 -33.56 19.03
CA THR A 407 12.88 -33.98 19.02
C THR A 407 12.76 -35.49 18.88
N LYS A 408 13.57 -36.11 18.02
CA LYS A 408 13.46 -37.54 17.89
C LYS A 408 13.89 -38.19 19.21
N LYS A 409 14.98 -37.66 19.80
CA LYS A 409 15.55 -38.21 21.03
C LYS A 409 14.56 -38.02 22.21
N THR A 410 14.23 -36.77 22.55
CA THR A 410 13.35 -36.44 23.67
C THR A 410 11.93 -37.02 23.53
N TYR A 411 11.38 -37.11 22.32
CA TYR A 411 9.96 -37.57 22.19
C TYR A 411 9.67 -38.83 21.41
N ASN A 412 10.67 -39.44 20.78
CA ASN A 412 10.48 -40.65 19.90
C ASN A 412 9.37 -40.51 18.87
N VAL A 413 9.31 -39.38 18.22
CA VAL A 413 8.45 -39.20 17.04
C VAL A 413 8.89 -40.06 15.83
N PRO A 414 8.07 -40.99 15.39
CA PRO A 414 8.44 -41.82 14.24
C PRO A 414 8.58 -41.08 12.89
N LEU A 415 7.81 -40.01 12.72
CA LEU A 415 7.66 -39.38 11.40
C LEU A 415 7.58 -37.88 11.55
N ILE A 416 8.53 -37.17 10.95
CA ILE A 416 8.56 -35.72 11.06
C ILE A 416 8.53 -35.05 9.67
N TYR A 417 7.92 -33.86 9.55
CA TYR A 417 8.14 -33.01 8.38
C TYR A 417 8.65 -31.71 8.94
N VAL A 418 9.51 -31.03 8.19
CA VAL A 418 9.78 -29.65 8.48
C VAL A 418 8.71 -28.89 7.72
N THR A 419 7.77 -28.28 8.45
CA THR A 419 6.62 -27.63 7.84
C THR A 419 6.79 -26.14 7.59
N GLU A 420 7.79 -25.50 8.18
CA GLU A 420 8.12 -24.09 7.90
C GLU A 420 9.62 -23.88 8.08
N ASN A 421 10.24 -23.13 7.17
CA ASN A 421 11.62 -22.69 7.29
C ASN A 421 11.88 -21.69 6.22
N GLY A 422 12.48 -20.55 6.54
CA GLY A 422 12.64 -19.52 5.52
C GLY A 422 13.09 -18.24 6.20
N VAL A 423 13.18 -17.12 5.46
CA VAL A 423 13.88 -15.93 5.94
C VAL A 423 13.35 -14.77 5.12
N ASP A 424 13.47 -13.57 5.67
CA ASP A 424 12.85 -12.39 5.08
C ASP A 424 13.92 -11.46 4.49
N ASP A 425 13.56 -10.75 3.43
CA ASP A 425 14.46 -9.85 2.71
C ASP A 425 14.69 -8.64 3.56
N VAL A 426 15.88 -8.09 3.42
CA VAL A 426 16.14 -6.70 3.91
C VAL A 426 15.02 -5.80 3.35
N LYS A 427 14.38 -5.02 4.22
CA LYS A 427 13.39 -4.03 3.79
C LYS A 427 14.01 -2.93 2.87
N ASN A 428 13.46 -2.73 1.65
CA ASN A 428 14.04 -1.76 0.69
C ASN A 428 13.14 -1.39 -0.48
N THR A 429 12.49 -0.25 -0.37
CA THR A 429 11.57 0.22 -1.36
C THR A 429 12.29 0.99 -2.50
N ASN A 430 13.62 0.97 -2.53
CA ASN A 430 14.35 1.66 -3.57
C ASN A 430 14.77 0.77 -4.69
N LEU A 431 14.64 -0.55 -4.53
CA LEU A 431 15.06 -1.47 -5.55
C LEU A 431 13.97 -1.63 -6.63
N THR A 432 14.37 -1.68 -7.90
CA THR A 432 13.49 -2.08 -9.01
C THR A 432 13.40 -3.63 -8.91
N LEU A 433 12.43 -4.19 -9.60
CA LEU A 433 12.26 -5.67 -9.55
C LEU A 433 13.51 -6.47 -9.96
N SER A 434 14.28 -6.04 -10.98
CA SER A 434 15.51 -6.83 -11.35
C SER A 434 16.45 -7.04 -10.16
N GLU A 435 16.58 -5.99 -9.36
CA GLU A 435 17.41 -6.01 -8.17
C GLU A 435 16.67 -6.70 -7.02
N ALA A 436 15.40 -6.32 -6.83
CA ALA A 436 14.65 -6.87 -5.71
C ALA A 436 14.59 -8.38 -5.77
N ARG A 437 14.60 -8.98 -6.95
CA ARG A 437 14.36 -10.43 -6.99
C ARG A 437 15.62 -11.23 -6.80
N LYS A 438 16.75 -10.54 -6.63
CA LYS A 438 18.08 -11.21 -6.45
C LYS A 438 18.28 -11.57 -4.98
N ASP A 439 17.74 -12.69 -4.53
CA ASP A 439 17.55 -12.85 -3.10
C ASP A 439 18.57 -13.88 -2.61
N SER A 440 19.85 -13.51 -2.73
CA SER A 440 20.96 -14.50 -2.41
C SER A 440 21.04 -14.92 -0.97
N MET A 441 20.74 -13.98 -0.07
CA MET A 441 20.62 -14.42 1.33
C MET A 441 19.63 -15.56 1.53
N ARG A 442 18.40 -15.40 0.96
CA ARG A 442 17.39 -16.48 1.06
C ARG A 442 17.90 -17.73 0.40
N LEU A 443 18.51 -17.58 -0.76
CA LEU A 443 18.99 -18.78 -1.50
C LEU A 443 20.04 -19.56 -0.70
N LYS A 444 20.96 -18.80 -0.09
CA LYS A 444 21.98 -19.45 0.81
C LYS A 444 21.32 -20.08 2.04
N TYR A 445 20.38 -19.32 2.64
CA TYR A 445 19.65 -19.78 3.79
C TYR A 445 18.96 -21.07 3.50
N LEU A 446 18.25 -21.12 2.36
CA LEU A 446 17.52 -22.38 2.04
C LEU A 446 18.48 -23.55 1.88
N GLN A 447 19.54 -23.35 1.09
CA GLN A 447 20.60 -24.40 0.83
C GLN A 447 21.19 -24.96 2.12
N ASP A 448 21.69 -24.04 2.96
CA ASP A 448 22.24 -24.41 4.28
C ASP A 448 21.30 -25.21 5.17
N HIS A 449 20.04 -24.73 5.29
CA HIS A 449 19.08 -25.49 6.11
C HIS A 449 18.66 -26.78 5.52
N ILE A 450 18.55 -26.81 4.20
CA ILE A 450 18.10 -28.05 3.58
C ILE A 450 19.21 -29.04 3.76
N PHE A 451 20.46 -28.57 3.57
CA PHE A 451 21.67 -29.38 3.84
C PHE A 451 21.61 -30.03 5.22
N ASN A 452 21.40 -29.15 6.21
CA ASN A 452 21.26 -29.61 7.61
C ASN A 452 20.16 -30.60 7.85
N VAL A 453 19.06 -30.44 7.10
CA VAL A 453 17.97 -31.37 7.21
C VAL A 453 18.48 -32.73 6.74
N ARG A 454 19.20 -32.75 5.61
CA ARG A 454 19.90 -33.99 5.16
C ARG A 454 20.78 -34.63 6.25
N GLN A 455 21.56 -33.79 6.92
CA GLN A 455 22.44 -34.27 8.00
C GLN A 455 21.64 -34.97 9.08
N ALA A 456 20.53 -34.30 9.50
CA ALA A 456 19.69 -34.87 10.54
C ALA A 456 19.15 -36.24 10.16
N MET A 457 18.94 -36.46 8.86
CA MET A 457 18.45 -37.78 8.46
C MET A 457 19.59 -38.80 8.51
N ASN A 458 20.82 -38.35 8.28
CA ASN A 458 21.97 -39.24 8.49
C ASN A 458 22.09 -39.59 9.95
N ASP A 459 21.88 -38.61 10.87
CA ASP A 459 21.80 -38.91 12.31
C ASP A 459 20.63 -39.81 12.72
N GLY A 460 19.84 -40.34 11.80
CA GLY A 460 18.71 -41.24 12.19
C GLY A 460 17.29 -40.63 12.26
N VAL A 461 17.13 -39.30 12.13
CA VAL A 461 15.78 -38.76 12.20
C VAL A 461 15.01 -39.12 10.93
N ASN A 462 13.83 -39.69 11.09
CA ASN A 462 13.04 -40.03 9.93
C ASN A 462 12.21 -38.80 9.43
N VAL A 463 12.81 -37.94 8.62
CA VAL A 463 12.14 -36.70 8.08
C VAL A 463 11.58 -37.01 6.70
N LYS A 464 10.27 -36.84 6.51
CA LYS A 464 9.62 -37.21 5.27
C LYS A 464 9.42 -36.02 4.29
N GLY A 465 9.62 -34.79 4.74
CA GLY A 465 9.51 -33.70 3.80
C GLY A 465 9.90 -32.38 4.41
N TYR A 466 9.91 -31.34 3.59
CA TYR A 466 10.39 -30.03 3.98
C TYR A 466 9.54 -28.99 3.19
N PHE A 467 8.95 -28.03 3.87
CA PHE A 467 8.21 -26.96 3.19
C PHE A 467 8.87 -25.63 3.44
N ALA A 468 9.31 -24.95 2.38
CA ALA A 468 9.83 -23.60 2.61
C ALA A 468 8.70 -22.68 3.00
N TRP A 469 9.03 -21.55 3.62
CA TRP A 469 8.08 -20.59 4.04
C TRP A 469 8.61 -19.27 3.56
N SER A 470 7.84 -18.53 2.75
CA SER A 470 6.56 -19.06 2.21
C SER A 470 6.50 -18.90 0.74
N LEU A 471 5.35 -19.21 0.14
CA LEU A 471 5.27 -19.16 -1.31
C LEU A 471 5.36 -17.74 -1.76
N LEU A 472 4.58 -16.87 -1.09
CA LEU A 472 4.42 -15.52 -1.63
C LEU A 472 4.84 -14.54 -0.58
N ASP A 473 5.33 -13.35 -0.94
CA ASP A 473 5.34 -12.26 0.03
C ASP A 473 3.88 -12.07 0.43
N ASN A 474 3.65 -11.86 1.72
CA ASN A 474 2.27 -11.65 2.21
C ASN A 474 2.17 -10.84 3.51
N PHE A 475 0.99 -10.79 4.13
CA PHE A 475 0.75 -9.95 5.32
C PHE A 475 1.50 -10.58 6.48
N GLU A 476 2.37 -9.82 7.16
CA GLU A 476 3.18 -10.49 8.23
C GLU A 476 2.73 -9.95 9.60
N TRP A 477 1.45 -10.11 9.87
CA TRP A 477 0.91 -9.88 11.18
C TRP A 477 1.30 -8.49 11.64
N GLY A 478 2.05 -8.36 12.76
CA GLY A 478 2.42 -7.07 13.33
C GLY A 478 3.24 -6.19 12.44
N GLU A 479 3.95 -6.89 11.56
CA GLU A 479 4.84 -6.25 10.61
C GLU A 479 4.18 -5.86 9.34
N GLY A 480 2.87 -6.10 9.16
CA GLY A 480 2.11 -5.61 7.95
C GLY A 480 2.76 -6.09 6.63
N TYR A 481 2.87 -5.19 5.64
CA TYR A 481 3.46 -5.61 4.33
C TYR A 481 4.97 -5.43 4.15
N GLY A 482 5.60 -4.75 5.11
CA GLY A 482 7.02 -4.48 5.12
C GLY A 482 8.04 -5.62 5.12
N VAL A 483 7.63 -6.82 5.47
CA VAL A 483 8.58 -7.89 5.65
C VAL A 483 8.17 -8.92 4.59
N ARG A 484 9.14 -9.34 3.78
CA ARG A 484 8.93 -10.24 2.69
C ARG A 484 9.59 -11.58 2.93
N PHE A 485 8.79 -12.65 3.07
CA PHE A 485 9.30 -13.97 3.24
C PHE A 485 9.15 -14.86 2.01
N GLY A 486 8.58 -14.34 0.93
CA GLY A 486 8.23 -15.26 -0.21
C GLY A 486 9.42 -15.70 -1.05
N ILE A 487 9.39 -16.95 -1.58
CA ILE A 487 10.18 -17.21 -2.77
C ILE A 487 9.58 -16.53 -4.05
N ILE A 488 8.35 -16.04 -4.00
CA ILE A 488 7.72 -15.30 -5.11
C ILE A 488 7.51 -13.87 -4.69
N HIS A 489 8.00 -12.91 -5.49
CA HIS A 489 7.86 -11.50 -5.21
C HIS A 489 6.46 -11.01 -5.51
N ILE A 490 5.98 -9.96 -4.80
CA ILE A 490 4.70 -9.42 -4.99
C ILE A 490 4.84 -7.95 -5.19
N ASP A 491 4.20 -7.46 -6.24
CA ASP A 491 4.26 -6.06 -6.49
C ASP A 491 2.97 -5.44 -5.95
N TYR A 492 3.07 -4.86 -4.76
CA TYR A 492 1.98 -4.20 -4.11
C TYR A 492 1.57 -2.98 -4.86
N ASN A 493 2.34 -2.50 -5.82
CA ASN A 493 1.86 -1.27 -6.53
C ASN A 493 1.01 -1.57 -7.76
N ASP A 494 1.03 -2.83 -8.17
CA ASP A 494 0.42 -3.24 -9.41
C ASP A 494 -0.35 -4.57 -9.27
N ASN A 495 -1.50 -4.47 -8.60
CA ASN A 495 -2.35 -5.64 -8.39
C ASN A 495 -1.68 -6.89 -7.90
N PHE A 496 -0.70 -6.77 -7.00
CA PHE A 496 -0.07 -8.03 -6.43
C PHE A 496 0.48 -8.94 -7.48
N ALA A 497 0.97 -8.33 -8.55
CA ALA A 497 1.65 -9.10 -9.66
C ALA A 497 2.73 -10.02 -9.05
N ARG A 498 2.72 -11.25 -9.41
CA ARG A 498 3.67 -12.27 -8.90
C ARG A 498 4.87 -12.42 -9.86
N TYR A 499 6.09 -12.57 -9.33
CA TYR A 499 7.26 -12.84 -10.14
C TYR A 499 8.25 -13.67 -9.32
N PRO A 500 8.79 -14.77 -9.88
CA PRO A 500 9.75 -15.60 -9.07
C PRO A 500 11.08 -14.89 -8.74
N LYS A 501 11.51 -14.98 -7.50
CA LYS A 501 12.84 -14.52 -7.08
C LYS A 501 13.85 -15.65 -7.47
N ASP A 502 15.14 -15.38 -7.38
CA ASP A 502 16.16 -16.40 -7.69
C ASP A 502 15.99 -17.67 -6.95
N SER A 503 15.55 -17.58 -5.69
CA SER A 503 15.39 -18.81 -4.89
C SER A 503 14.35 -19.76 -5.43
N ALA A 504 13.28 -19.20 -6.01
CA ALA A 504 12.22 -20.07 -6.61
C ALA A 504 12.79 -20.81 -7.78
N VAL A 505 13.54 -20.05 -8.63
CA VAL A 505 14.22 -20.68 -9.82
C VAL A 505 15.12 -21.80 -9.41
N TRP A 506 15.93 -21.53 -8.37
CA TRP A 506 16.87 -22.53 -7.79
C TRP A 506 16.15 -23.76 -7.26
N LEU A 507 15.04 -23.52 -6.54
CA LEU A 507 14.29 -24.64 -6.00
C LEU A 507 13.70 -25.50 -7.10
N MET A 508 13.20 -24.83 -8.14
CA MET A 508 12.67 -25.55 -9.29
C MET A 508 13.78 -26.40 -9.94
N ASN A 509 14.90 -25.77 -10.24
CA ASN A 509 16.03 -26.47 -10.87
C ASN A 509 16.64 -27.60 -10.05
N SER A 510 16.76 -27.44 -8.73
CA SER A 510 17.41 -28.47 -7.93
C SER A 510 16.47 -29.50 -7.40
N PHE A 511 15.19 -29.15 -7.30
CA PHE A 511 14.22 -30.04 -6.66
C PHE A 511 13.01 -30.43 -7.45
N HIS A 512 12.95 -30.06 -8.73
CA HIS A 512 11.83 -30.49 -9.55
C HIS A 512 11.52 -31.94 -9.44
N LYS A 513 10.29 -32.27 -9.07
CA LYS A 513 9.62 -33.49 -9.51
C LYS A 513 8.32 -33.69 -8.72
N ASP B 13 -19.11 36.65 8.76
CA ASP B 13 -18.71 35.29 9.33
C ASP B 13 -18.61 34.04 8.36
N ALA B 14 -17.39 33.50 8.23
CA ALA B 14 -17.08 32.41 7.28
C ALA B 14 -17.89 31.10 7.46
N THR B 15 -18.40 30.81 8.66
CA THR B 15 -19.08 29.51 8.90
C THR B 15 -20.45 29.40 8.23
N ARG B 16 -21.06 30.53 7.89
CA ARG B 16 -22.40 30.48 7.33
C ARG B 16 -22.38 30.65 5.81
N ILE B 17 -21.18 30.68 5.22
CA ILE B 17 -21.07 30.83 3.76
C ILE B 17 -21.79 29.64 3.07
N SER B 18 -22.53 29.98 2.03
CA SER B 18 -23.33 29.02 1.32
C SER B 18 -23.63 29.50 -0.10
N ARG B 19 -24.29 28.64 -0.87
CA ARG B 19 -24.58 28.93 -2.26
C ARG B 19 -25.34 30.25 -2.42
N SER B 20 -26.16 30.60 -1.44
CA SER B 20 -27.05 31.74 -1.62
C SER B 20 -26.29 33.07 -1.46
N ASP B 21 -25.05 33.03 -0.99
CA ASP B 21 -24.18 34.19 -1.03
C ASP B 21 -23.56 34.45 -2.39
N PHE B 22 -23.87 33.65 -3.41
CA PHE B 22 -23.21 33.81 -4.72
C PHE B 22 -24.22 34.10 -5.81
N PRO B 23 -23.80 34.68 -6.96
CA PRO B 23 -24.80 34.74 -8.05
C PRO B 23 -25.24 33.35 -8.55
N ALA B 24 -26.40 33.31 -9.20
CA ALA B 24 -26.99 32.08 -9.70
C ALA B 24 -26.13 31.24 -10.69
N ASP B 25 -25.31 31.87 -11.51
CA ASP B 25 -24.51 31.19 -12.53
C ASP B 25 -23.11 30.75 -12.01
N PHE B 26 -22.91 30.84 -10.70
CA PHE B 26 -21.61 30.53 -10.10
C PHE B 26 -21.52 29.01 -10.03
N ILE B 27 -20.36 28.44 -10.37
CA ILE B 27 -20.12 27.03 -10.53
C ILE B 27 -19.24 26.54 -9.38
N MET B 28 -19.74 25.57 -8.62
CA MET B 28 -18.91 24.86 -7.63
C MET B 28 -18.55 23.50 -8.20
N GLY B 29 -17.32 23.03 -7.97
CA GLY B 29 -16.87 21.79 -8.46
C GLY B 29 -15.75 21.22 -7.62
N THR B 30 -15.21 20.11 -8.14
CA THR B 30 -14.04 19.41 -7.60
C THR B 30 -13.23 18.91 -8.81
N GLY B 31 -12.06 18.31 -8.57
CA GLY B 31 -11.08 18.12 -9.58
C GLY B 31 -10.15 16.94 -9.30
N SER B 32 -9.56 16.40 -10.37
CA SER B 32 -8.50 15.36 -10.23
C SER B 32 -7.60 15.54 -11.44
N SER B 33 -6.53 14.75 -11.57
CA SER B 33 -5.77 14.69 -12.80
C SER B 33 -5.59 13.19 -13.12
N ALA B 34 -5.28 12.87 -14.36
CA ALA B 34 -5.38 11.50 -14.82
C ALA B 34 -4.40 10.58 -14.12
N TYR B 35 -3.14 10.97 -14.00
CA TYR B 35 -2.09 10.07 -13.46
C TYR B 35 -2.31 9.87 -11.98
N GLN B 36 -2.93 10.86 -11.31
CA GLN B 36 -3.10 10.70 -9.85
C GLN B 36 -4.24 9.77 -9.47
N ILE B 37 -5.32 9.70 -10.29
CA ILE B 37 -6.42 8.78 -9.99
C ILE B 37 -6.65 7.52 -10.82
N GLU B 38 -6.26 7.48 -12.10
CA GLU B 38 -6.81 6.47 -13.05
C GLU B 38 -6.34 5.06 -12.75
N GLY B 39 -5.06 4.86 -12.48
CA GLY B 39 -4.44 3.53 -12.62
C GLY B 39 -4.72 3.00 -14.05
N GLY B 40 -4.91 1.72 -14.20
CA GLY B 40 -4.99 1.17 -15.55
C GLY B 40 -3.84 1.59 -16.43
N ALA B 41 -2.59 1.56 -15.88
CA ALA B 41 -1.49 2.36 -16.49
C ALA B 41 -1.09 1.67 -17.78
N ARG B 42 -1.26 0.37 -17.80
CA ARG B 42 -0.99 -0.49 -18.94
C ARG B 42 -2.27 -1.22 -19.35
N ASP B 43 -3.44 -0.62 -19.08
CA ASP B 43 -4.67 -1.26 -19.45
C ASP B 43 -5.27 -0.48 -20.59
N GLY B 44 -6.01 -1.22 -21.41
CA GLY B 44 -6.89 -0.53 -22.37
C GLY B 44 -6.04 0.14 -23.43
N GLY B 45 -4.81 -0.39 -23.69
CA GLY B 45 -3.88 0.17 -24.69
C GLY B 45 -3.14 1.48 -24.37
N ARG B 46 -3.19 1.95 -23.13
CA ARG B 46 -2.42 3.15 -22.74
C ARG B 46 -0.91 2.89 -22.89
N GLY B 47 -0.22 3.84 -23.50
CA GLY B 47 1.23 3.90 -23.44
C GLY B 47 1.80 4.65 -22.23
N PRO B 48 3.09 4.45 -21.93
CA PRO B 48 3.78 5.07 -20.80
C PRO B 48 3.83 6.64 -20.93
N SER B 49 3.72 7.33 -19.78
CA SER B 49 4.09 8.71 -19.70
C SER B 49 5.45 8.80 -18.96
N ILE B 50 6.03 10.01 -18.94
CA ILE B 50 7.32 10.24 -18.19
C ILE B 50 7.13 9.99 -16.70
N TRP B 51 5.88 10.15 -16.20
CA TRP B 51 5.62 9.72 -14.80
C TRP B 51 5.67 8.25 -14.48
N ASP B 52 5.23 7.42 -15.44
CA ASP B 52 5.38 5.96 -15.35
C ASP B 52 6.85 5.60 -15.27
N THR B 53 7.63 6.16 -16.18
CA THR B 53 9.05 5.82 -16.27
C THR B 53 9.84 6.31 -15.03
N PHE B 54 9.60 7.57 -14.67
CA PHE B 54 10.23 8.20 -13.48
C PHE B 54 9.97 7.36 -12.21
N THR B 55 8.68 7.11 -11.90
CA THR B 55 8.42 6.29 -10.69
C THR B 55 8.86 4.86 -10.78
N HIS B 56 9.06 4.31 -11.99
CA HIS B 56 9.51 2.90 -12.03
C HIS B 56 10.99 2.74 -12.04
N ARG B 57 11.66 3.67 -12.71
CA ARG B 57 13.15 3.65 -12.80
C ARG B 57 13.81 4.36 -11.60
N ARG B 58 13.07 5.27 -10.98
CA ARG B 58 13.68 5.98 -9.88
C ARG B 58 12.76 5.93 -8.65
N PRO B 59 12.50 4.71 -8.12
CA PRO B 59 11.58 4.57 -6.97
C PRO B 59 12.12 5.27 -5.72
N ASP B 60 13.42 5.38 -5.61
CA ASP B 60 14.02 6.23 -4.61
C ASP B 60 13.54 7.66 -4.67
N MET B 61 12.96 8.16 -5.74
CA MET B 61 12.44 9.58 -5.71
C MET B 61 11.07 9.71 -5.17
N ILE B 62 10.50 8.59 -4.76
CA ILE B 62 9.08 8.61 -4.37
C ILE B 62 8.95 8.02 -2.97
N ARG B 63 8.26 8.77 -2.10
CA ARG B 63 7.97 8.28 -0.75
C ARG B 63 7.38 6.92 -0.83
N GLY B 64 8.03 5.94 -0.28
CA GLY B 64 7.42 4.64 -0.21
C GLY B 64 7.79 3.83 -1.43
N GLY B 65 8.38 4.49 -2.44
CA GLY B 65 8.81 3.69 -3.61
C GLY B 65 7.60 3.35 -4.50
N THR B 66 6.47 4.09 -4.39
CA THR B 66 5.24 3.70 -5.05
C THR B 66 5.11 4.41 -6.39
N ASN B 67 4.03 4.11 -7.10
CA ASN B 67 3.78 4.62 -8.44
C ASN B 67 2.27 4.69 -8.70
N GLY B 68 1.89 5.15 -9.89
CA GLY B 68 0.45 5.25 -10.28
C GLY B 68 -0.03 4.06 -11.16
N ASP B 69 0.60 2.85 -11.10
CA ASP B 69 0.09 1.72 -11.90
C ASP B 69 -1.40 1.48 -11.64
N VAL B 70 -1.81 1.51 -10.38
CA VAL B 70 -3.19 1.30 -9.98
C VAL B 70 -3.80 2.61 -9.41
N ALA B 71 -3.00 3.46 -8.73
CA ALA B 71 -3.52 4.70 -8.15
C ALA B 71 -4.77 4.41 -7.31
N VAL B 72 -5.87 5.09 -7.58
CA VAL B 72 -7.11 4.66 -6.92
C VAL B 72 -8.14 4.08 -7.88
N ASP B 73 -7.62 3.65 -9.06
CA ASP B 73 -8.35 2.80 -9.96
C ASP B 73 -9.61 3.40 -10.46
N SER B 74 -9.64 4.71 -10.63
CA SER B 74 -10.79 5.29 -11.31
C SER B 74 -10.92 4.82 -12.74
N TYR B 75 -9.86 4.28 -13.31
CA TYR B 75 -10.06 3.67 -14.64
C TYR B 75 -11.18 2.57 -14.62
N HIS B 76 -11.21 1.69 -13.62
CA HIS B 76 -12.31 0.69 -13.47
C HIS B 76 -13.46 1.18 -12.60
N LEU B 77 -13.24 2.15 -11.70
CA LEU B 77 -14.25 2.54 -10.70
C LEU B 77 -14.94 3.81 -11.07
N TYR B 78 -14.72 4.32 -12.29
CA TYR B 78 -15.32 5.60 -12.66
C TYR B 78 -16.82 5.72 -12.40
N LYS B 79 -17.55 4.61 -12.43
CA LYS B 79 -19.02 4.67 -12.24
C LYS B 79 -19.34 4.99 -10.79
N GLU B 80 -18.51 4.49 -9.88
CA GLU B 80 -18.57 4.94 -8.52
C GLU B 80 -18.25 6.41 -8.31
N ASP B 81 -17.14 6.90 -8.90
CA ASP B 81 -16.76 8.30 -8.81
C ASP B 81 -17.94 9.15 -9.31
N VAL B 82 -18.61 8.73 -10.38
CA VAL B 82 -19.73 9.55 -10.92
C VAL B 82 -20.91 9.56 -9.91
N ASN B 83 -21.11 8.43 -9.27
CA ASN B 83 -22.15 8.24 -8.30
C ASN B 83 -21.87 9.11 -7.08
N ILE B 84 -20.64 9.04 -6.57
CA ILE B 84 -20.19 10.07 -5.59
C ILE B 84 -20.48 11.53 -6.02
N LEU B 85 -20.11 11.91 -7.24
CA LEU B 85 -20.27 13.29 -7.71
C LEU B 85 -21.73 13.71 -7.75
N LYS B 86 -22.62 12.77 -8.07
CA LYS B 86 -24.04 13.00 -8.13
C LYS B 86 -24.55 13.22 -6.69
N ASN B 87 -24.10 12.42 -5.72
CA ASN B 87 -24.53 12.58 -4.33
C ASN B 87 -24.00 13.91 -3.73
N LEU B 88 -22.85 14.33 -4.19
CA LEU B 88 -22.22 15.55 -3.73
C LEU B 88 -23.02 16.76 -4.13
N GLY B 89 -23.67 16.68 -5.31
CA GLY B 89 -24.63 17.74 -5.77
C GLY B 89 -24.00 19.01 -6.32
N LEU B 90 -22.68 19.04 -6.59
CA LEU B 90 -22.05 20.24 -7.15
C LEU B 90 -22.18 20.27 -8.69
N ASP B 91 -21.95 21.43 -9.32
CA ASP B 91 -22.22 21.65 -10.75
C ASP B 91 -21.30 20.97 -11.75
N ALA B 92 -20.04 20.69 -11.35
CA ALA B 92 -18.97 20.50 -12.26
C ALA B 92 -17.83 19.68 -11.70
N TYR B 93 -17.07 19.08 -12.62
CA TYR B 93 -16.00 18.24 -12.28
C TYR B 93 -14.88 18.46 -13.29
N ARG B 94 -13.69 18.63 -12.79
CA ARG B 94 -12.60 19.06 -13.62
C ARG B 94 -11.72 17.81 -13.63
N PHE B 95 -11.37 17.31 -14.80
CA PHE B 95 -10.44 16.16 -14.79
C PHE B 95 -9.55 16.40 -16.00
N SER B 96 -8.43 15.71 -16.10
CA SER B 96 -7.59 15.77 -17.27
C SER B 96 -7.59 14.44 -18.09
N ILE B 97 -7.19 14.54 -19.36
CA ILE B 97 -7.08 13.39 -20.29
C ILE B 97 -5.65 12.96 -20.29
N SER B 98 -5.41 11.65 -20.19
CA SER B 98 -4.05 11.16 -20.32
C SER B 98 -3.74 11.09 -21.80
N TRP B 99 -2.85 11.97 -22.24
CA TRP B 99 -2.30 12.00 -23.59
C TRP B 99 -1.91 10.62 -24.10
N SER B 100 -1.13 9.85 -23.36
CA SER B 100 -0.67 8.60 -23.90
C SER B 100 -1.69 7.42 -23.73
N ARG B 101 -2.86 7.75 -23.15
CA ARG B 101 -3.99 6.84 -23.15
C ARG B 101 -4.65 6.91 -24.52
N VAL B 102 -4.88 8.12 -25.03
CA VAL B 102 -5.55 8.23 -26.31
C VAL B 102 -4.58 8.14 -27.50
N LEU B 103 -3.31 8.53 -27.30
CA LEU B 103 -2.24 8.38 -28.31
C LEU B 103 -1.02 7.76 -27.68
N PRO B 104 -0.96 6.44 -27.69
CA PRO B 104 0.09 5.78 -26.89
C PRO B 104 1.49 6.11 -27.30
N GLY B 105 1.66 6.51 -28.56
CA GLY B 105 2.99 6.87 -29.04
C GLY B 105 3.13 8.38 -29.11
N GLY B 106 2.16 9.10 -28.55
CA GLY B 106 2.23 10.56 -28.52
C GLY B 106 1.80 11.24 -29.77
N ARG B 107 2.31 10.78 -30.91
CA ARG B 107 1.91 11.41 -32.22
C ARG B 107 0.97 10.47 -32.98
N LEU B 108 0.18 11.03 -33.90
CA LEU B 108 -0.78 10.25 -34.70
C LEU B 108 -0.17 8.96 -35.32
N SER B 109 1.06 9.00 -35.79
CA SER B 109 1.66 7.85 -36.40
C SER B 109 1.92 6.71 -35.42
N GLY B 110 1.71 6.96 -34.14
CA GLY B 110 1.93 5.92 -33.13
C GLY B 110 0.67 5.08 -32.87
N GLY B 111 -0.42 5.40 -33.59
CA GLY B 111 -1.72 4.74 -33.43
C GLY B 111 -2.72 5.57 -32.61
N VAL B 112 -4.01 5.53 -32.97
CA VAL B 112 -5.06 6.12 -32.19
C VAL B 112 -5.71 5.03 -31.36
N ASN B 113 -5.81 5.21 -30.05
CA ASN B 113 -6.31 4.12 -29.18
C ASN B 113 -7.80 4.32 -28.90
N LYS B 114 -8.65 3.60 -29.64
CA LYS B 114 -10.13 3.71 -29.52
C LYS B 114 -10.62 3.36 -28.14
N GLU B 115 -9.95 2.41 -27.51
CA GLU B 115 -10.34 2.05 -26.17
C GLU B 115 -10.13 3.18 -25.14
N GLY B 116 -9.09 3.99 -25.33
CA GLY B 116 -8.86 5.15 -24.47
C GLY B 116 -9.88 6.20 -24.79
N ILE B 117 -10.22 6.41 -26.06
CA ILE B 117 -11.28 7.34 -26.36
C ILE B 117 -12.60 6.87 -25.75
N ASN B 118 -12.86 5.54 -25.74
CA ASN B 118 -14.12 5.01 -25.17
C ASN B 118 -14.29 5.31 -23.69
N TYR B 119 -13.19 5.24 -22.96
CA TYR B 119 -13.15 5.54 -21.54
C TYR B 119 -13.60 6.97 -21.27
N TYR B 120 -13.03 7.93 -22.00
CA TYR B 120 -13.34 9.32 -21.75
C TYR B 120 -14.78 9.63 -22.22
N ASN B 121 -15.25 8.98 -23.29
CA ASN B 121 -16.62 9.18 -23.67
C ASN B 121 -17.52 8.60 -22.60
N ASN B 122 -17.12 7.47 -21.98
CA ASN B 122 -18.03 6.86 -20.99
C ASN B 122 -18.08 7.72 -19.76
N LEU B 123 -16.93 8.28 -19.38
CA LEU B 123 -16.86 9.18 -18.28
C LEU B 123 -17.72 10.44 -18.56
N ILE B 124 -17.51 11.05 -19.72
CA ILE B 124 -18.27 12.30 -20.07
C ILE B 124 -19.76 12.05 -20.14
N ASP B 125 -20.21 10.99 -20.83
CA ASP B 125 -21.66 10.73 -20.82
C ASP B 125 -22.23 10.43 -19.42
N GLY B 126 -21.51 9.65 -18.60
CA GLY B 126 -21.97 9.43 -17.22
C GLY B 126 -22.14 10.77 -16.47
N LEU B 127 -21.19 11.68 -16.63
CA LEU B 127 -21.26 12.95 -15.91
C LEU B 127 -22.45 13.71 -16.40
N LEU B 128 -22.63 13.80 -17.73
CA LEU B 128 -23.78 14.50 -18.28
C LEU B 128 -25.10 13.88 -17.92
N ALA B 129 -25.16 12.54 -17.85
CA ALA B 129 -26.45 11.89 -17.53
C ALA B 129 -26.85 12.24 -16.12
N ASN B 130 -25.93 12.74 -15.29
CA ASN B 130 -26.25 13.12 -13.91
C ASN B 130 -26.20 14.64 -13.71
N GLY B 131 -26.27 15.39 -14.80
CA GLY B 131 -26.28 16.87 -14.70
C GLY B 131 -24.99 17.54 -14.19
N ILE B 132 -23.83 16.88 -14.38
CA ILE B 132 -22.54 17.45 -13.98
C ILE B 132 -21.75 17.91 -15.21
N LYS B 133 -21.34 19.20 -15.23
CA LYS B 133 -20.56 19.79 -16.30
C LYS B 133 -19.11 19.38 -16.25
N PRO B 134 -18.62 18.83 -17.35
CA PRO B 134 -17.19 18.50 -17.36
C PRO B 134 -16.33 19.67 -17.72
N PHE B 135 -15.23 19.83 -16.98
CA PHE B 135 -14.23 20.82 -17.34
C PHE B 135 -13.01 20.00 -17.59
N VAL B 136 -12.48 20.07 -18.80
CA VAL B 136 -11.40 19.14 -19.12
C VAL B 136 -10.10 19.83 -19.42
N THR B 137 -9.04 19.31 -18.85
CA THR B 137 -7.69 19.75 -19.04
C THR B 137 -6.97 18.76 -19.91
N LEU B 138 -6.33 19.28 -20.98
CA LEU B 138 -5.59 18.47 -21.92
C LEU B 138 -4.33 17.94 -21.30
N PHE B 139 -3.59 18.75 -20.55
CA PHE B 139 -2.27 18.27 -20.14
C PHE B 139 -1.98 18.52 -18.66
N HIS B 140 -1.61 17.46 -17.93
CA HIS B 140 -1.20 17.60 -16.54
C HIS B 140 0.01 16.76 -16.27
N TRP B 141 1.08 17.08 -16.98
CA TRP B 141 2.45 16.69 -16.73
C TRP B 141 2.78 15.36 -17.25
N ASP B 142 1.77 14.64 -17.77
CA ASP B 142 2.01 13.24 -18.18
C ASP B 142 2.35 13.16 -19.70
N VAL B 143 3.52 13.68 -20.04
CA VAL B 143 4.10 13.65 -21.39
C VAL B 143 4.32 12.21 -21.79
N PRO B 144 3.86 11.84 -22.99
CA PRO B 144 4.12 10.46 -23.44
C PRO B 144 5.60 10.22 -23.49
N GLN B 145 6.06 9.11 -22.96
CA GLN B 145 7.45 8.74 -22.99
C GLN B 145 8.04 8.68 -24.44
N ALA B 146 7.20 8.34 -25.43
CA ALA B 146 7.66 8.18 -26.80
C ALA B 146 8.23 9.49 -27.24
N LEU B 147 7.52 10.61 -26.95
CA LEU B 147 7.93 11.96 -27.40
C LEU B 147 9.14 12.41 -26.58
N GLU B 148 9.19 11.99 -25.31
CA GLU B 148 10.31 12.33 -24.48
C GLU B 148 11.59 11.68 -25.03
N ASP B 149 11.49 10.41 -25.39
CA ASP B 149 12.64 9.66 -25.81
C ASP B 149 12.99 10.06 -27.25
N GLU B 150 12.03 10.52 -28.06
CA GLU B 150 12.35 10.79 -29.45
C GLU B 150 13.11 12.10 -29.52
N TYR B 151 12.60 13.16 -28.91
CA TYR B 151 13.22 14.45 -29.09
C TYR B 151 13.30 15.39 -27.83
N GLY B 152 13.23 14.78 -26.61
CA GLY B 152 13.22 15.45 -25.31
C GLY B 152 11.91 16.17 -24.91
N GLY B 153 10.78 15.75 -25.44
CA GLY B 153 9.53 16.29 -24.94
C GLY B 153 9.50 17.80 -25.04
N PHE B 154 9.22 18.48 -23.93
CA PHE B 154 9.01 19.93 -23.97
C PHE B 154 10.31 20.75 -24.09
N LEU B 155 11.45 20.05 -24.03
CA LEU B 155 12.71 20.67 -24.39
C LEU B 155 12.76 21.02 -25.85
N SER B 156 11.90 20.45 -26.71
CA SER B 156 12.06 20.65 -28.16
C SER B 156 10.88 21.39 -28.69
N PRO B 157 11.08 22.26 -29.68
CA PRO B 157 9.87 22.92 -30.25
C PRO B 157 9.02 21.92 -31.07
N ARG B 158 9.56 20.72 -31.36
CA ARG B 158 8.70 19.68 -32.01
C ARG B 158 7.41 19.39 -31.22
N ILE B 159 7.49 19.43 -29.88
CA ILE B 159 6.32 19.33 -29.02
C ILE B 159 5.13 20.18 -29.43
N VAL B 160 5.32 21.29 -30.07
CA VAL B 160 4.12 22.15 -30.32
C VAL B 160 3.15 21.48 -31.30
N ASP B 161 3.72 20.85 -32.32
CA ASP B 161 2.92 20.27 -33.40
C ASP B 161 2.20 19.00 -32.91
N ASP B 162 2.97 18.09 -32.31
CA ASP B 162 2.41 16.96 -31.60
C ASP B 162 1.28 17.33 -30.63
N PHE B 163 1.51 18.32 -29.77
CA PHE B 163 0.49 18.77 -28.85
C PHE B 163 -0.79 19.23 -29.56
N CYS B 164 -0.60 19.89 -30.69
CA CYS B 164 -1.79 20.32 -31.50
C CYS B 164 -2.51 19.15 -32.14
N GLU B 165 -1.77 18.08 -32.55
CA GLU B 165 -2.47 16.94 -33.16
C GLU B 165 -3.37 16.35 -32.02
N TYR B 166 -2.80 16.26 -30.82
CA TYR B 166 -3.49 15.73 -29.66
C TYR B 166 -4.69 16.61 -29.29
N ALA B 167 -4.55 17.94 -29.26
CA ALA B 167 -5.70 18.79 -28.90
C ALA B 167 -6.83 18.60 -29.90
N GLU B 168 -6.48 18.58 -31.19
CA GLU B 168 -7.46 18.37 -32.26
C GLU B 168 -8.25 17.05 -32.10
N LEU B 169 -7.53 15.95 -31.83
CA LEU B 169 -8.20 14.71 -31.52
C LEU B 169 -9.25 14.90 -30.42
N CYS B 170 -8.88 15.54 -29.29
CA CYS B 170 -9.81 15.67 -28.20
C CYS B 170 -10.96 16.55 -28.59
N PHE B 171 -10.70 17.62 -29.32
CA PHE B 171 -11.85 18.50 -29.66
C PHE B 171 -12.89 17.80 -30.54
N TRP B 172 -12.39 17.07 -31.52
CA TRP B 172 -13.18 16.32 -32.50
C TRP B 172 -13.99 15.22 -31.79
N GLU B 173 -13.34 14.45 -30.94
CA GLU B 173 -14.06 13.37 -30.23
C GLU B 173 -15.03 13.86 -29.16
N PHE B 174 -14.70 14.94 -28.41
CA PHE B 174 -15.41 15.18 -27.15
C PHE B 174 -16.09 16.53 -27.17
N GLY B 175 -15.72 17.40 -28.14
CA GLY B 175 -16.13 18.83 -28.17
C GLY B 175 -17.60 19.04 -28.36
N ASP B 176 -18.31 18.03 -28.90
CA ASP B 176 -19.75 18.08 -28.91
C ASP B 176 -20.34 18.14 -27.52
N ARG B 177 -19.62 17.59 -26.53
CA ARG B 177 -20.20 17.57 -25.17
C ARG B 177 -19.41 18.44 -24.14
N VAL B 178 -18.07 18.48 -24.26
CA VAL B 178 -17.24 19.29 -23.41
C VAL B 178 -17.15 20.72 -23.98
N LYS B 179 -17.60 21.69 -23.19
CA LYS B 179 -17.65 23.12 -23.58
C LYS B 179 -16.66 23.98 -22.80
N HIS B 180 -15.83 23.40 -21.97
CA HIS B 180 -14.86 24.17 -21.23
C HIS B 180 -13.62 23.39 -21.23
N TRP B 181 -12.56 23.94 -21.84
CA TRP B 181 -11.28 23.27 -21.99
C TRP B 181 -10.17 24.06 -21.34
N MET B 182 -9.08 23.38 -20.94
CA MET B 182 -7.92 24.06 -20.53
C MET B 182 -6.79 23.32 -21.17
N THR B 183 -5.82 24.08 -21.67
CA THR B 183 -4.70 23.49 -22.36
C THR B 183 -3.83 22.91 -21.33
N LEU B 184 -3.39 23.74 -20.37
CA LEU B 184 -2.36 23.28 -19.38
C LEU B 184 -2.84 23.51 -17.97
N ASN B 185 -2.43 22.61 -17.05
CA ASN B 185 -2.64 22.87 -15.65
C ASN B 185 -1.34 22.95 -14.91
N GLN B 186 -1.12 24.08 -14.20
CA GLN B 186 0.10 24.23 -13.38
C GLN B 186 1.42 23.96 -14.10
N PRO B 187 1.62 24.63 -15.24
CA PRO B 187 2.87 24.44 -15.99
C PRO B 187 4.11 24.87 -15.21
N TRP B 188 3.94 25.90 -14.36
CA TRP B 188 5.04 26.33 -13.46
C TRP B 188 5.70 25.16 -12.76
N THR B 189 4.86 24.30 -12.21
CA THR B 189 5.39 23.25 -11.37
C THR B 189 6.07 22.25 -12.24
N PHE B 190 5.54 22.08 -13.45
CA PHE B 190 6.12 21.12 -14.34
C PHE B 190 7.56 21.54 -14.72
N SER B 191 7.61 22.80 -15.18
CA SER B 191 8.87 23.44 -15.52
C SER B 191 9.91 23.43 -14.39
N VAL B 192 9.51 23.91 -13.22
CA VAL B 192 10.47 24.04 -12.10
C VAL B 192 10.92 22.76 -11.48
N HIS B 193 9.99 21.85 -11.19
CA HIS B 193 10.40 20.65 -10.48
C HIS B 193 10.85 19.65 -11.42
N GLY B 194 10.45 19.79 -12.69
CA GLY B 194 10.97 18.86 -13.69
C GLY B 194 12.41 19.10 -14.12
N TYR B 195 12.70 20.41 -14.25
CA TYR B 195 13.93 20.89 -14.87
C TYR B 195 14.90 21.81 -14.06
N ALA B 196 14.42 22.43 -12.96
CA ALA B 196 15.26 23.25 -12.05
C ALA B 196 15.66 22.38 -10.86
N THR B 197 14.68 21.89 -10.09
CA THR B 197 15.01 21.08 -8.91
C THR B 197 15.24 19.59 -9.20
N GLY B 198 14.66 19.08 -10.30
CA GLY B 198 14.69 17.65 -10.65
C GLY B 198 14.00 16.73 -9.68
N LEU B 199 13.02 17.26 -8.94
CA LEU B 199 12.26 16.44 -7.95
C LEU B 199 11.10 15.68 -8.61
N TYR B 200 10.54 16.27 -9.65
CA TYR B 200 9.49 15.63 -10.43
C TYR B 200 10.04 15.13 -11.79
N ALA B 201 9.27 14.26 -12.45
CA ALA B 201 9.59 13.81 -13.79
C ALA B 201 9.66 15.02 -14.77
N PRO B 202 10.69 15.01 -15.66
CA PRO B 202 11.67 13.91 -15.93
C PRO B 202 12.86 13.81 -15.04
N GLY B 203 12.89 14.60 -13.98
CA GLY B 203 13.97 14.42 -13.00
C GLY B 203 15.30 14.98 -13.45
N ARG B 204 15.32 16.20 -14.00
CA ARG B 204 16.56 16.78 -14.50
C ARG B 204 16.97 18.11 -13.80
N GLY B 205 18.26 18.41 -13.83
CA GLY B 205 18.71 19.75 -13.42
C GLY B 205 19.46 19.70 -12.10
N ARG B 206 20.26 18.66 -11.92
CA ARG B 206 20.95 18.44 -10.66
C ARG B 206 20.96 16.95 -10.47
N SER B 231 23.16 15.63 -22.96
CA SER B 231 23.41 16.35 -21.70
C SER B 231 22.56 15.79 -20.53
N THR B 232 22.80 16.26 -19.31
CA THR B 232 22.15 15.69 -18.12
C THR B 232 21.14 16.63 -17.35
N GLY B 233 21.08 17.89 -17.78
CA GLY B 233 20.22 18.87 -17.13
C GLY B 233 20.97 20.15 -16.85
N ASN B 234 20.27 21.26 -16.81
CA ASN B 234 20.86 22.50 -16.51
C ASN B 234 19.73 23.46 -16.08
N PRO B 235 19.65 23.72 -14.77
CA PRO B 235 18.60 24.50 -14.14
C PRO B 235 18.67 25.93 -14.50
N GLY B 236 19.77 26.34 -15.16
CA GLY B 236 19.91 27.70 -15.65
C GLY B 236 19.27 28.00 -16.98
N THR B 237 19.12 26.96 -17.80
CA THR B 237 18.57 27.13 -19.18
C THR B 237 17.26 26.35 -19.44
N GLU B 238 17.31 25.02 -19.18
CA GLU B 238 16.20 24.07 -19.46
C GLU B 238 14.85 24.51 -18.98
N PRO B 239 14.73 25.02 -17.72
CA PRO B 239 13.40 25.49 -17.31
C PRO B 239 12.86 26.55 -18.19
N TYR B 240 13.76 27.38 -18.73
CA TYR B 240 13.27 28.56 -19.52
C TYR B 240 12.85 28.04 -20.90
N TRP B 241 13.53 26.99 -21.40
CA TRP B 241 13.09 26.45 -22.71
C TRP B 241 11.73 25.76 -22.63
N VAL B 242 11.62 24.86 -21.65
CA VAL B 242 10.39 24.20 -21.30
C VAL B 242 9.20 25.15 -21.13
N THR B 243 9.35 26.20 -20.33
CA THR B 243 8.22 27.16 -20.21
C THR B 243 7.83 27.81 -21.54
N HIS B 244 8.89 28.01 -22.33
CA HIS B 244 8.79 28.74 -23.60
C HIS B 244 7.99 27.85 -24.53
N HIS B 245 8.38 26.56 -24.59
CA HIS B 245 7.58 25.56 -25.40
C HIS B 245 6.16 25.28 -24.87
N LEU B 246 5.99 25.24 -23.52
CA LEU B 246 4.65 25.20 -22.89
C LEU B 246 3.78 26.31 -23.38
N LEU B 247 4.29 27.54 -23.39
CA LEU B 247 3.36 28.66 -23.82
C LEU B 247 3.06 28.62 -25.30
N LEU B 248 4.03 28.16 -26.09
CA LEU B 248 3.77 28.04 -27.58
C LEU B 248 2.71 26.92 -27.87
N ALA B 249 2.91 25.76 -27.24
CA ALA B 249 1.91 24.66 -27.21
C ALA B 249 0.55 25.22 -26.82
N HIS B 250 0.51 25.96 -25.72
CA HIS B 250 -0.78 26.46 -25.31
C HIS B 250 -1.36 27.35 -26.39
N ALA B 251 -0.54 28.24 -27.00
CA ALA B 251 -1.09 29.30 -27.90
C ALA B 251 -1.54 28.66 -29.25
N ALA B 252 -0.72 27.75 -29.75
CA ALA B 252 -1.03 27.01 -31.00
C ALA B 252 -2.39 26.27 -30.78
N ALA B 253 -2.51 25.48 -29.67
CA ALA B 253 -3.83 24.78 -29.37
C ALA B 253 -5.02 25.74 -29.26
N VAL B 254 -4.81 26.93 -28.70
CA VAL B 254 -5.94 27.92 -28.62
C VAL B 254 -6.32 28.44 -29.99
N GLU B 255 -5.31 28.70 -30.80
CA GLU B 255 -5.57 29.19 -32.15
C GLU B 255 -6.35 28.08 -32.96
N LEU B 256 -5.90 26.84 -32.83
CA LEU B 256 -6.61 25.70 -33.38
C LEU B 256 -8.03 25.67 -32.89
N TYR B 257 -8.24 25.83 -31.60
CA TYR B 257 -9.62 25.71 -31.17
C TYR B 257 -10.47 26.80 -31.76
N LYS B 258 -9.91 28.02 -31.74
CA LYS B 258 -10.72 29.20 -32.06
C LYS B 258 -11.01 29.26 -33.52
N ASN B 259 -10.01 28.93 -34.34
CA ASN B 259 -10.25 28.86 -35.82
C ASN B 259 -11.02 27.64 -36.34
N LYS B 260 -10.81 26.46 -35.75
CA LYS B 260 -11.37 25.23 -36.32
C LYS B 260 -12.55 24.58 -35.62
N PHE B 261 -12.90 25.00 -34.40
CA PHE B 261 -13.84 24.28 -33.55
C PHE B 261 -14.85 25.15 -32.90
N GLN B 262 -14.49 26.42 -32.64
CA GLN B 262 -15.27 27.21 -31.66
C GLN B 262 -16.60 27.61 -32.20
N ARG B 263 -16.66 27.88 -33.49
CA ARG B 263 -17.95 28.25 -34.05
C ARG B 263 -18.94 27.07 -34.14
N GLY B 264 -18.47 25.89 -34.57
CA GLY B 264 -19.38 24.73 -34.60
C GLY B 264 -19.68 24.19 -33.19
N GLN B 265 -18.72 24.18 -32.28
CA GLN B 265 -18.96 23.57 -30.93
C GLN B 265 -19.40 24.54 -29.83
N GLU B 266 -19.09 25.85 -30.01
CA GLU B 266 -19.46 26.93 -29.10
C GLU B 266 -18.98 26.74 -27.65
N GLY B 267 -17.74 26.33 -27.45
CA GLY B 267 -17.25 26.21 -26.09
C GLY B 267 -16.16 27.23 -25.83
N GLN B 268 -15.44 27.08 -24.73
CA GLN B 268 -14.41 28.05 -24.36
C GLN B 268 -13.18 27.37 -23.98
N ILE B 269 -12.08 28.04 -24.12
CA ILE B 269 -10.82 27.40 -23.81
C ILE B 269 -9.98 28.39 -22.96
N GLY B 270 -9.06 27.86 -22.16
CA GLY B 270 -8.30 28.61 -21.19
C GLY B 270 -7.13 27.84 -20.66
N ILE B 271 -6.65 28.26 -19.50
CA ILE B 271 -5.40 27.72 -18.98
C ILE B 271 -5.41 27.98 -17.48
N SER B 272 -4.59 27.22 -16.76
CA SER B 272 -4.63 27.21 -15.30
C SER B 272 -3.23 27.33 -14.73
N HIS B 273 -3.06 28.34 -13.84
CA HIS B 273 -1.73 28.67 -13.33
C HIS B 273 -1.53 28.47 -11.84
N ALA B 274 -0.38 27.93 -11.46
CA ALA B 274 0.08 27.96 -10.07
C ALA B 274 0.22 29.40 -9.58
N THR B 275 -0.29 29.65 -8.39
CA THR B 275 -0.06 30.90 -7.69
C THR B 275 0.26 30.60 -6.25
N GLN B 276 1.02 31.48 -5.61
CA GLN B 276 1.29 31.47 -4.14
C GLN B 276 1.37 32.95 -3.79
N TRP B 277 0.61 33.39 -2.79
CA TRP B 277 0.69 34.80 -2.39
C TRP B 277 2.03 35.18 -1.79
N MET B 278 2.56 36.30 -2.30
CA MET B 278 3.90 36.80 -1.94
C MET B 278 3.73 38.11 -1.15
N GLU B 279 4.03 38.04 0.15
CA GLU B 279 3.92 39.18 1.09
C GLU B 279 5.35 39.72 1.43
N PRO B 280 5.51 41.08 1.32
CA PRO B 280 6.73 41.85 1.71
C PRO B 280 7.03 41.53 3.17
N TRP B 281 8.18 40.95 3.47
CA TRP B 281 8.51 40.59 4.85
C TRP B 281 8.28 41.73 5.82
N ASP B 282 8.83 42.89 5.47
CA ASP B 282 8.62 44.15 6.13
C ASP B 282 7.74 45.05 5.27
N GLU B 283 6.49 45.28 5.70
CA GLU B 283 5.52 46.16 5.00
C GLU B 283 6.11 47.45 4.46
N ASN B 284 7.14 47.97 5.15
CA ASN B 284 7.71 49.28 4.82
C ASN B 284 8.89 49.19 3.88
N SER B 285 9.88 48.33 4.21
CA SER B 285 11.04 48.15 3.32
C SER B 285 10.62 48.11 1.82
N ALA B 286 10.85 49.21 1.07
CA ALA B 286 10.53 49.26 -0.36
C ALA B 286 11.39 48.26 -1.14
N SER B 287 12.55 47.88 -0.59
CA SER B 287 13.33 46.78 -1.12
C SER B 287 12.58 45.40 -1.02
N ASP B 288 11.81 45.23 0.06
CA ASP B 288 10.99 44.05 0.27
C ASP B 288 9.72 44.06 -0.60
N VAL B 289 9.08 45.21 -0.76
CA VAL B 289 7.90 45.34 -1.63
C VAL B 289 8.25 44.96 -3.08
N GLU B 290 9.51 45.15 -3.43
CA GLU B 290 9.94 44.94 -4.78
C GLU B 290 10.32 43.48 -4.97
N ALA B 291 10.92 42.88 -3.93
CA ALA B 291 11.24 41.44 -3.92
C ALA B 291 9.96 40.58 -4.09
N ALA B 292 8.85 41.07 -3.53
CA ALA B 292 7.58 40.42 -3.57
C ALA B 292 6.98 40.49 -4.97
N ALA B 293 6.98 41.67 -5.59
CA ALA B 293 6.52 41.80 -6.96
C ALA B 293 7.42 40.99 -7.93
N ARG B 294 8.68 40.79 -7.58
CA ARG B 294 9.53 40.09 -8.47
C ARG B 294 9.21 38.60 -8.32
N ALA B 295 8.89 38.16 -7.10
CA ALA B 295 8.61 36.74 -6.82
C ALA B 295 7.32 36.36 -7.56
N LEU B 296 6.36 37.28 -7.57
CA LEU B 296 5.17 37.14 -8.38
C LEU B 296 5.49 37.09 -9.89
N ASP B 297 6.49 37.81 -10.35
CA ASP B 297 6.74 37.91 -11.77
C ASP B 297 7.32 36.58 -12.23
N PHE B 298 8.21 36.03 -11.42
CA PHE B 298 8.90 34.81 -11.77
C PHE B 298 7.99 33.55 -11.60
N MET B 299 6.79 33.71 -11.02
CA MET B 299 5.91 32.57 -10.85
C MET B 299 4.72 32.77 -11.74
N LEU B 300 3.90 33.76 -11.47
CA LEU B 300 2.69 34.02 -12.19
C LEU B 300 3.00 34.81 -13.50
N GLY B 301 3.99 35.73 -13.47
CA GLY B 301 4.13 36.69 -14.57
C GLY B 301 4.75 35.98 -15.78
N TRP B 302 5.65 35.06 -15.46
CA TRP B 302 6.33 34.21 -16.39
C TRP B 302 5.39 33.54 -17.39
N PHE B 303 4.14 33.27 -16.96
CA PHE B 303 3.11 32.71 -17.81
C PHE B 303 2.09 33.74 -18.23
N MET B 304 1.70 34.64 -17.29
CA MET B 304 0.60 35.56 -17.56
C MET B 304 0.99 36.75 -18.45
N GLU B 305 2.26 37.17 -18.39
CA GLU B 305 2.67 38.33 -19.19
C GLU B 305 2.61 37.97 -20.68
N PRO B 306 3.23 36.80 -21.06
CA PRO B 306 3.19 36.28 -22.45
C PRO B 306 1.77 36.21 -23.03
N ILE B 307 0.76 35.86 -22.24
CA ILE B 307 -0.56 35.82 -22.85
C ILE B 307 -1.28 37.11 -22.70
N THR B 308 -0.60 38.10 -22.14
CA THR B 308 -1.26 39.39 -21.97
C THR B 308 -0.76 40.39 -23.03
N SER B 309 0.55 40.43 -23.18
CA SER B 309 1.15 41.48 -23.98
C SER B 309 2.14 40.87 -24.96
N GLY B 310 2.34 39.57 -24.88
CA GLY B 310 3.14 38.97 -25.89
C GLY B 310 4.56 38.85 -25.46
N ASP B 311 4.92 39.27 -24.25
CA ASP B 311 6.33 39.15 -23.84
C ASP B 311 6.48 38.72 -22.37
N TYR B 312 7.68 38.25 -22.01
CA TYR B 312 8.03 37.98 -20.64
C TYR B 312 8.05 39.26 -19.80
N PRO B 313 7.95 39.13 -18.46
CA PRO B 313 7.93 40.42 -17.73
C PRO B 313 9.33 41.10 -17.58
N LYS B 314 9.27 42.43 -17.44
CA LYS B 314 10.47 43.24 -17.33
C LYS B 314 11.53 42.69 -16.35
N SER B 315 11.09 42.35 -15.12
CA SER B 315 12.07 41.81 -14.12
C SER B 315 12.82 40.61 -14.57
N MET B 316 12.17 39.81 -15.42
CA MET B 316 12.72 38.53 -15.76
C MET B 316 13.79 38.72 -16.84
N LYS B 317 13.48 39.60 -17.81
CA LYS B 317 14.48 39.94 -18.86
C LYS B 317 15.73 40.51 -18.17
N LYS B 318 15.51 41.47 -17.26
CA LYS B 318 16.60 42.04 -16.48
C LYS B 318 17.45 40.99 -15.78
N PHE B 319 16.85 40.12 -14.96
CA PHE B 319 17.73 39.19 -14.17
C PHE B 319 18.18 37.94 -14.89
N VAL B 320 17.48 37.57 -15.98
CA VAL B 320 17.84 36.28 -16.65
C VAL B 320 18.68 36.57 -17.88
N GLY B 321 18.31 37.68 -18.54
CA GLY B 321 19.04 38.25 -19.63
C GLY B 321 19.03 37.39 -20.86
N SER B 322 20.21 37.01 -21.29
CA SER B 322 20.33 36.37 -22.57
C SER B 322 19.91 34.88 -22.52
N ARG B 323 19.89 34.30 -21.31
CA ARG B 323 19.34 32.96 -21.10
C ARG B 323 17.78 32.84 -21.31
N LEU B 324 17.08 33.95 -21.42
CA LEU B 324 15.66 33.98 -21.57
C LEU B 324 15.25 34.14 -23.04
N PRO B 325 14.64 33.09 -23.65
CA PRO B 325 14.28 33.05 -25.10
C PRO B 325 13.37 34.17 -25.53
N LYS B 326 13.39 34.50 -26.82
CA LYS B 326 12.50 35.58 -27.28
C LYS B 326 11.46 35.01 -28.20
N PHE B 327 10.32 35.65 -28.19
CA PHE B 327 9.24 35.39 -29.11
C PHE B 327 9.46 36.12 -30.43
N SER B 328 9.38 35.42 -31.55
CA SER B 328 9.25 36.09 -32.82
C SER B 328 7.93 36.92 -32.76
N PRO B 329 7.80 37.94 -33.61
CA PRO B 329 6.54 38.70 -33.53
C PRO B 329 5.31 37.92 -33.95
N GLU B 330 5.46 36.87 -34.76
CA GLU B 330 4.27 36.07 -35.07
C GLU B 330 3.90 35.24 -33.82
N GLN B 331 4.89 34.62 -33.15
CA GLN B 331 4.65 34.08 -31.80
C GLN B 331 3.90 35.07 -30.83
N SER B 332 4.46 36.25 -30.59
CA SER B 332 3.74 37.22 -29.75
C SER B 332 2.35 37.47 -30.17
N LYS B 333 2.11 37.47 -31.47
CA LYS B 333 0.80 37.88 -31.97
C LYS B 333 -0.19 36.75 -31.60
N MET B 334 0.27 35.51 -31.73
CA MET B 334 -0.44 34.30 -31.39
C MET B 334 -0.74 34.20 -29.88
N LEU B 335 0.29 34.45 -29.01
CA LEU B 335 0.13 34.49 -27.52
C LEU B 335 -0.83 35.56 -26.96
N LYS B 336 -0.83 36.73 -27.56
CA LYS B 336 -1.43 37.84 -26.87
C LYS B 336 -2.94 37.55 -26.83
N GLY B 337 -3.59 37.48 -25.67
CA GLY B 337 -5.05 37.25 -25.63
C GLY B 337 -5.48 35.78 -25.92
N SER B 338 -4.55 34.82 -25.84
CA SER B 338 -4.85 33.44 -26.16
C SER B 338 -5.64 32.68 -25.04
N TYR B 339 -6.87 33.13 -24.74
CA TYR B 339 -7.63 32.46 -23.69
C TYR B 339 -9.01 33.03 -23.61
N ASP B 340 -9.98 32.27 -23.14
CA ASP B 340 -11.34 32.82 -22.92
C ASP B 340 -11.55 33.02 -21.43
N PHE B 341 -10.75 32.31 -20.62
CA PHE B 341 -10.85 32.42 -19.19
C PHE B 341 -9.50 31.97 -18.68
N VAL B 342 -9.16 32.37 -17.45
CA VAL B 342 -7.94 31.88 -16.79
C VAL B 342 -8.34 31.15 -15.49
N GLY B 343 -7.58 30.13 -15.15
CA GLY B 343 -7.87 29.42 -13.93
C GLY B 343 -6.71 29.71 -13.01
N LEU B 344 -7.00 29.95 -11.73
CA LEU B 344 -5.89 30.05 -10.75
C LEU B 344 -5.92 28.99 -9.70
N ASN B 345 -4.78 28.42 -9.41
CA ASN B 345 -4.70 27.50 -8.35
C ASN B 345 -4.00 28.21 -7.17
N TYR B 346 -4.57 28.11 -5.96
CA TYR B 346 -4.01 28.75 -4.80
C TYR B 346 -3.98 27.78 -3.60
N TYR B 347 -2.81 27.60 -2.99
CA TYR B 347 -2.73 26.85 -1.73
C TYR B 347 -2.23 27.66 -0.49
N THR B 348 -1.25 28.55 -0.69
CA THR B 348 -0.48 29.10 0.42
C THR B 348 0.17 30.45 0.11
N ALA B 349 1.05 30.91 1.00
CA ALA B 349 1.60 32.28 0.95
C ALA B 349 2.88 32.25 1.64
N SER B 350 3.65 33.29 1.38
CA SER B 350 4.95 33.42 1.98
C SER B 350 5.35 34.92 2.12
N TYR B 351 6.27 35.20 3.06
CA TYR B 351 6.94 36.52 3.13
C TYR B 351 8.16 36.42 2.22
N VAL B 352 8.38 37.56 1.57
CA VAL B 352 9.56 37.66 0.71
C VAL B 352 10.50 38.82 1.10
N THR B 353 11.80 38.55 1.01
CA THR B 353 12.79 39.59 1.10
C THR B 353 13.87 39.43 0.01
N ASN B 354 14.76 40.41 -0.12
CA ASN B 354 15.87 40.37 -1.10
C ASN B 354 16.95 39.35 -0.78
N ALA B 355 17.67 38.89 -1.82
CA ALA B 355 18.81 37.95 -1.53
C ALA B 355 20.13 38.74 -1.40
N SER B 356 21.13 38.15 -0.72
CA SER B 356 22.45 38.82 -0.46
C SER B 356 23.09 39.61 -1.65
N ASN B 364 26.58 26.99 -10.73
CA ASN B 364 26.54 28.34 -11.27
C ASN B 364 25.11 28.90 -11.45
N PHE B 365 24.60 29.05 -12.68
CA PHE B 365 23.23 29.59 -12.88
C PHE B 365 22.05 28.63 -12.55
N SER B 366 20.93 29.22 -12.08
CA SER B 366 19.74 28.49 -11.63
C SER B 366 18.46 29.32 -11.64
N TYR B 367 17.35 28.72 -12.09
CA TYR B 367 16.07 29.46 -12.02
C TYR B 367 15.88 29.97 -10.57
N ASN B 368 16.26 29.11 -9.61
CA ASN B 368 15.98 29.38 -8.19
C ASN B 368 16.66 30.67 -7.76
N THR B 369 17.98 30.73 -8.00
CA THR B 369 18.84 31.91 -7.77
C THR B 369 18.57 33.13 -8.66
N ASP B 370 18.03 32.96 -9.88
CA ASP B 370 17.68 34.14 -10.71
C ASP B 370 16.60 34.99 -10.12
N ILE B 371 15.79 34.41 -9.24
CA ILE B 371 14.71 35.21 -8.70
C ILE B 371 15.32 36.31 -7.78
N HIS B 372 16.46 36.00 -7.13
CA HIS B 372 17.09 36.96 -6.15
C HIS B 372 16.11 37.37 -5.07
N VAL B 373 15.52 36.36 -4.44
CA VAL B 373 14.66 36.61 -3.29
C VAL B 373 14.93 35.52 -2.30
N THR B 374 14.51 35.78 -1.06
CA THR B 374 14.54 34.81 0.03
C THR B 374 13.11 34.77 0.55
N TYR B 375 12.75 33.54 0.89
CA TYR B 375 11.43 33.19 1.44
C TYR B 375 11.51 33.10 2.95
N GLU B 376 10.57 33.77 3.60
CA GLU B 376 10.47 33.70 5.05
C GLU B 376 9.04 33.32 5.42
N THR B 377 8.94 32.40 6.38
CA THR B 377 7.65 31.98 6.99
C THR B 377 7.10 32.84 8.18
N ASP B 378 8.00 33.41 9.01
CA ASP B 378 7.60 34.29 10.15
C ASP B 378 8.04 35.75 10.14
N ARG B 379 7.13 36.61 10.61
CA ARG B 379 7.43 37.95 11.06
C ARG B 379 7.57 37.90 12.59
N ASN B 380 8.80 37.92 13.05
CA ASN B 380 9.12 38.02 14.48
C ASN B 380 8.57 36.88 15.29
N GLY B 381 8.97 35.66 14.88
CA GLY B 381 8.51 34.39 15.47
C GLY B 381 7.04 34.01 15.29
N VAL B 382 6.23 34.85 14.62
CA VAL B 382 4.84 34.51 14.30
C VAL B 382 4.78 34.02 12.81
N PRO B 383 4.45 32.73 12.61
CA PRO B 383 4.25 32.21 11.21
C PRO B 383 3.12 32.97 10.48
N ILE B 384 3.27 33.16 9.16
CA ILE B 384 2.20 33.74 8.33
C ILE B 384 0.86 32.98 8.51
N GLY B 385 0.96 31.65 8.76
CA GLY B 385 -0.21 30.90 9.21
C GLY B 385 0.18 29.53 9.73
N PRO B 386 -0.81 28.81 10.29
CA PRO B 386 -0.55 27.42 10.78
C PRO B 386 -0.23 26.43 9.62
N GLN B 387 0.56 25.41 9.93
CA GLN B 387 0.85 24.32 9.02
C GLN B 387 -0.39 23.47 8.90
N SER B 388 -0.53 22.90 7.71
CA SER B 388 -1.45 21.81 7.38
C SER B 388 -0.64 20.54 7.65
N GLY B 389 -1.01 19.43 7.01
CA GLY B 389 -0.24 18.20 7.17
C GLY B 389 1.11 18.30 6.48
N SER B 390 1.28 19.29 5.59
CA SER B 390 2.55 19.54 4.88
C SER B 390 3.29 20.82 5.36
N ASP B 391 4.58 20.70 5.64
CA ASP B 391 5.32 21.86 6.22
C ASP B 391 5.45 23.05 5.24
N TRP B 392 5.36 22.80 3.94
CA TRP B 392 5.31 23.89 2.98
C TRP B 392 3.99 24.59 2.92
N LEU B 393 2.93 24.07 3.54
CA LEU B 393 1.61 24.68 3.25
C LEU B 393 1.03 25.38 4.47
N LEU B 394 1.08 26.72 4.44
CA LEU B 394 0.70 27.46 5.60
C LEU B 394 -0.63 28.09 5.30
N ILE B 395 -1.53 28.08 6.27
CA ILE B 395 -2.90 28.46 5.97
C ILE B 395 -3.06 29.96 6.07
N TYR B 396 -3.34 30.57 4.93
CA TYR B 396 -3.45 31.98 4.81
C TYR B 396 -4.60 32.39 3.88
N PRO B 397 -5.84 32.35 4.37
CA PRO B 397 -6.99 32.52 3.46
C PRO B 397 -7.06 33.84 2.73
N GLU B 398 -6.40 34.85 3.28
CA GLU B 398 -6.51 36.22 2.73
C GLU B 398 -5.69 36.25 1.43
N GLY B 399 -4.64 35.44 1.39
CA GLY B 399 -3.86 35.17 0.16
C GLY B 399 -4.68 34.96 -1.12
N ILE B 400 -5.81 34.25 -1.03
CA ILE B 400 -6.60 34.03 -2.21
C ILE B 400 -7.35 35.29 -2.62
N ARG B 401 -7.84 36.06 -1.67
CA ARG B 401 -8.43 37.38 -1.99
C ARG B 401 -7.37 38.28 -2.68
N LYS B 402 -6.16 38.27 -2.16
CA LYS B 402 -5.09 39.10 -2.70
C LYS B 402 -4.64 38.67 -4.09
N ILE B 403 -4.34 37.38 -4.24
CA ILE B 403 -3.90 36.82 -5.53
C ILE B 403 -4.93 37.04 -6.65
N LEU B 404 -6.21 37.03 -6.31
CA LEU B 404 -7.27 37.31 -7.27
C LEU B 404 -7.39 38.78 -7.68
N VAL B 405 -7.31 39.68 -6.70
CA VAL B 405 -7.32 41.14 -6.89
C VAL B 405 -6.03 41.54 -7.66
N TYR B 406 -4.89 40.98 -7.26
CA TYR B 406 -3.68 41.23 -7.99
C TYR B 406 -3.77 40.89 -9.47
N THR B 407 -4.33 39.71 -9.76
CA THR B 407 -4.40 39.21 -11.12
C THR B 407 -5.31 40.06 -12.01
N LYS B 408 -6.51 40.38 -11.53
CA LYS B 408 -7.34 41.28 -12.29
C LYS B 408 -6.64 42.64 -12.54
N LYS B 409 -6.01 43.21 -11.50
CA LYS B 409 -5.35 44.51 -11.56
C LYS B 409 -4.16 44.45 -12.53
N THR B 410 -3.17 43.58 -12.29
CA THR B 410 -1.99 43.48 -13.13
C THR B 410 -2.25 43.05 -14.58
N TYR B 411 -3.25 42.20 -14.86
CA TYR B 411 -3.46 41.64 -16.23
C TYR B 411 -4.83 41.79 -16.87
N ASN B 412 -5.75 42.51 -16.23
CA ASN B 412 -7.11 42.77 -16.78
C ASN B 412 -7.78 41.54 -17.37
N VAL B 413 -7.66 40.41 -16.68
CA VAL B 413 -8.41 39.19 -17.03
C VAL B 413 -9.92 39.42 -16.80
N PRO B 414 -10.73 39.24 -17.82
CA PRO B 414 -12.17 39.55 -17.63
C PRO B 414 -12.92 38.44 -16.87
N LEU B 415 -12.39 37.21 -16.92
CA LEU B 415 -13.12 36.01 -16.45
C LEU B 415 -12.14 35.09 -15.79
N ILE B 416 -12.36 34.82 -14.51
CA ILE B 416 -11.47 33.93 -13.73
C ILE B 416 -12.24 32.75 -13.07
N TYR B 417 -11.60 31.60 -12.99
CA TYR B 417 -12.12 30.52 -12.15
C TYR B 417 -11.04 30.25 -11.19
N VAL B 418 -11.41 29.91 -9.97
CA VAL B 418 -10.40 29.27 -9.11
C VAL B 418 -10.53 27.82 -9.43
N THR B 419 -9.44 27.23 -9.93
CA THR B 419 -9.50 25.86 -10.44
C THR B 419 -8.88 24.82 -9.51
N GLU B 420 -8.14 25.26 -8.52
CA GLU B 420 -7.69 24.36 -7.46
C GLU B 420 -7.53 25.17 -6.19
N ASN B 421 -7.94 24.59 -5.07
CA ASN B 421 -7.75 25.13 -3.73
C ASN B 421 -8.10 24.05 -2.73
N GLY B 422 -7.19 23.68 -1.83
CA GLY B 422 -7.54 22.70 -0.82
C GLY B 422 -6.33 22.40 0.01
N VAL B 423 -6.38 21.35 0.86
CA VAL B 423 -5.34 21.19 1.92
C VAL B 423 -5.30 19.69 2.23
N ASP B 424 -4.16 19.25 2.75
CA ASP B 424 -3.97 17.88 3.08
C ASP B 424 -4.11 17.56 4.59
N ASP B 425 -4.47 16.32 4.90
CA ASP B 425 -4.71 15.86 6.28
C ASP B 425 -3.36 15.61 6.87
N VAL B 426 -3.30 15.75 8.20
CA VAL B 426 -2.18 15.28 9.00
C VAL B 426 -2.01 13.78 8.73
N LYS B 427 -0.80 13.37 8.35
CA LYS B 427 -0.51 11.97 8.12
C LYS B 427 -0.72 11.15 9.40
N ASN B 428 -1.61 10.15 9.36
CA ASN B 428 -1.90 9.33 10.57
C ASN B 428 -2.57 7.96 10.26
N THR B 429 -1.77 6.91 10.27
CA THR B 429 -2.23 5.56 10.00
C THR B 429 -2.84 4.88 11.25
N ASN B 430 -2.96 5.59 12.37
CA ASN B 430 -3.51 5.00 13.58
C ASN B 430 -4.99 5.24 13.75
N LEU B 431 -5.60 6.02 12.86
CA LEU B 431 -7.02 6.34 13.01
C LEU B 431 -7.92 5.29 12.32
N THR B 432 -9.01 4.94 12.96
CA THR B 432 -10.07 4.24 12.28
C THR B 432 -10.83 5.27 11.38
N LEU B 433 -11.61 4.73 10.45
CA LEU B 433 -12.33 5.57 9.49
C LEU B 433 -13.25 6.59 10.19
N SER B 434 -13.91 6.23 11.28
CA SER B 434 -14.80 7.23 11.98
C SER B 434 -14.02 8.48 12.35
N GLU B 435 -12.76 8.29 12.76
CA GLU B 435 -11.92 9.40 13.19
C GLU B 435 -11.28 10.05 11.98
N ALA B 436 -10.75 9.20 11.09
CA ALA B 436 -10.06 9.73 9.91
C ALA B 436 -10.97 10.63 9.13
N ARG B 437 -12.28 10.42 9.13
CA ARG B 437 -13.08 11.25 8.21
C ARG B 437 -13.49 12.63 8.77
N LYS B 438 -13.06 12.91 10.01
CA LYS B 438 -13.47 14.14 10.74
C LYS B 438 -12.42 15.19 10.37
N ASP B 439 -12.56 15.81 9.22
CA ASP B 439 -11.47 16.58 8.64
C ASP B 439 -11.81 18.07 8.84
N SER B 440 -11.83 18.46 10.12
CA SER B 440 -12.07 19.81 10.57
C SER B 440 -11.26 20.92 9.97
N MET B 441 -9.98 20.65 9.94
CA MET B 441 -9.07 21.59 9.36
C MET B 441 -9.48 21.90 7.90
N ARG B 442 -9.72 20.84 7.11
CA ARG B 442 -10.09 21.04 5.71
C ARG B 442 -11.38 21.77 5.68
N LEU B 443 -12.30 21.39 6.54
CA LEU B 443 -13.62 22.02 6.47
C LEU B 443 -13.46 23.53 6.69
N LYS B 444 -12.68 23.91 7.71
CA LYS B 444 -12.44 25.33 8.03
C LYS B 444 -11.70 26.02 6.86
N TYR B 445 -10.62 25.37 6.39
CA TYR B 445 -9.88 25.84 5.24
C TYR B 445 -10.77 26.15 4.05
N LEU B 446 -11.67 25.25 3.70
CA LEU B 446 -12.58 25.50 2.59
C LEU B 446 -13.45 26.70 2.86
N GLN B 447 -14.11 26.77 4.04
CA GLN B 447 -15.02 27.87 4.44
C GLN B 447 -14.33 29.21 4.33
N ASP B 448 -13.10 29.27 4.88
CA ASP B 448 -12.31 30.49 4.91
C ASP B 448 -11.89 30.97 3.52
N HIS B 449 -11.44 30.01 2.68
CA HIS B 449 -11.08 30.42 1.32
C HIS B 449 -12.22 30.74 0.46
N ILE B 450 -13.30 30.02 0.62
CA ILE B 450 -14.45 30.32 -0.20
C ILE B 450 -15.01 31.69 0.19
N PHE B 451 -15.01 31.99 1.51
CA PHE B 451 -15.36 33.32 2.01
C PHE B 451 -14.51 34.42 1.33
N ASN B 452 -13.20 34.21 1.33
CA ASN B 452 -12.32 35.16 0.67
C ASN B 452 -12.52 35.35 -0.80
N VAL B 453 -12.82 34.24 -1.47
CA VAL B 453 -13.23 34.25 -2.85
C VAL B 453 -14.41 35.19 -3.03
N ARG B 454 -15.44 35.08 -2.18
CA ARG B 454 -16.60 36.03 -2.21
C ARG B 454 -16.16 37.52 -2.00
N GLN B 455 -15.15 37.73 -1.16
CA GLN B 455 -14.68 39.06 -0.85
C GLN B 455 -14.09 39.65 -2.11
N ALA B 456 -13.22 38.87 -2.78
CA ALA B 456 -12.59 39.31 -4.02
C ALA B 456 -13.62 39.67 -5.08
N MET B 457 -14.78 39.02 -5.02
CA MET B 457 -15.77 39.34 -6.01
C MET B 457 -16.36 40.69 -5.66
N ASN B 458 -16.57 40.95 -4.36
CA ASN B 458 -16.97 42.28 -3.87
C ASN B 458 -15.98 43.36 -4.28
N ASP B 459 -14.67 43.08 -4.20
CA ASP B 459 -13.64 43.94 -4.77
C ASP B 459 -13.67 44.12 -6.29
N GLY B 460 -14.71 43.63 -6.97
CA GLY B 460 -14.80 43.68 -8.45
C GLY B 460 -14.10 42.61 -9.31
N VAL B 461 -13.51 41.56 -8.72
CA VAL B 461 -12.96 40.51 -9.57
C VAL B 461 -14.11 39.65 -10.08
N ASN B 462 -14.14 39.39 -11.38
CA ASN B 462 -15.27 38.66 -11.95
C ASN B 462 -14.98 37.12 -11.95
N VAL B 463 -15.23 36.45 -10.81
CA VAL B 463 -14.85 35.02 -10.62
C VAL B 463 -16.09 34.20 -10.91
N LYS B 464 -16.00 33.30 -11.89
CA LYS B 464 -17.20 32.54 -12.30
C LYS B 464 -17.32 31.16 -11.60
N GLY B 465 -16.29 30.70 -10.90
CA GLY B 465 -16.45 29.47 -10.18
C GLY B 465 -15.26 29.05 -9.40
N TYR B 466 -15.44 27.98 -8.61
CA TYR B 466 -14.40 27.54 -7.67
C TYR B 466 -14.43 26.01 -7.70
N PHE B 467 -13.25 25.38 -7.69
CA PHE B 467 -13.15 23.96 -7.72
C PHE B 467 -12.26 23.54 -6.55
N ALA B 468 -12.75 22.66 -5.68
CA ALA B 468 -11.92 22.22 -4.58
C ALA B 468 -10.97 21.20 -5.12
N TRP B 469 -9.82 21.07 -4.48
CA TRP B 469 -8.88 20.07 -4.81
C TRP B 469 -8.64 19.26 -3.56
N SER B 470 -8.79 17.91 -3.61
CA SER B 470 -9.37 17.31 -4.80
C SER B 470 -10.53 16.47 -4.47
N LEU B 471 -11.07 15.74 -5.46
CA LEU B 471 -12.24 14.87 -5.17
C LEU B 471 -11.82 13.75 -4.25
N LEU B 472 -10.70 13.09 -4.56
CA LEU B 472 -10.39 11.86 -3.90
C LEU B 472 -9.03 11.91 -3.30
N ASP B 473 -8.75 11.25 -2.19
CA ASP B 473 -7.37 11.08 -1.85
C ASP B 473 -6.76 10.38 -3.04
N ASN B 474 -5.52 10.73 -3.38
CA ASN B 474 -4.92 10.07 -4.54
C ASN B 474 -3.38 10.10 -4.54
N PHE B 475 -2.71 9.83 -5.66
CA PHE B 475 -1.20 9.71 -5.67
C PHE B 475 -0.67 11.18 -5.66
N GLU B 476 0.22 11.53 -4.73
CA GLU B 476 0.67 12.95 -4.67
C GLU B 476 2.17 13.00 -5.06
N TRP B 477 2.47 12.49 -6.25
CA TRP B 477 3.72 12.72 -6.89
C TRP B 477 4.85 12.24 -6.03
N GLY B 478 5.78 13.12 -5.64
CA GLY B 478 6.92 12.72 -4.76
C GLY B 478 6.53 12.18 -3.40
N GLU B 479 5.37 12.60 -2.95
CA GLU B 479 4.86 12.20 -1.66
C GLU B 479 4.12 10.87 -1.71
N GLY B 480 4.03 10.22 -2.88
CA GLY B 480 3.29 8.92 -2.96
C GLY B 480 1.86 8.93 -2.40
N TYR B 481 1.51 7.90 -1.61
CA TYR B 481 0.13 7.86 -1.05
C TYR B 481 -0.06 8.44 0.34
N GLY B 482 1.04 8.85 1.00
CA GLY B 482 1.03 9.47 2.32
C GLY B 482 0.27 10.75 2.62
N VAL B 483 -0.10 11.49 1.59
CA VAL B 483 -0.64 12.79 1.76
C VAL B 483 -2.03 12.77 1.12
N ARG B 484 -3.05 13.17 1.87
CA ARG B 484 -4.39 13.07 1.51
C ARG B 484 -5.02 14.45 1.33
N PHE B 485 -5.35 14.77 0.09
CA PHE B 485 -5.98 16.02 -0.27
C PHE B 485 -7.47 15.89 -0.53
N GLY B 486 -8.06 14.68 -0.44
CA GLY B 486 -9.47 14.48 -0.92
C GLY B 486 -10.53 15.00 0.01
N ILE B 487 -11.67 15.43 -0.52
CA ILE B 487 -12.81 15.50 0.28
C ILE B 487 -13.50 14.11 0.38
N ILE B 488 -13.00 13.08 -0.32
CA ILE B 488 -13.48 11.69 -0.22
C ILE B 488 -12.35 10.86 0.23
N HIS B 489 -12.56 10.13 1.31
CA HIS B 489 -11.49 9.32 1.88
C HIS B 489 -11.35 8.09 1.02
N ILE B 490 -10.13 7.48 0.97
CA ILE B 490 -9.87 6.32 0.21
C ILE B 490 -9.23 5.30 1.15
N ASP B 491 -9.77 4.09 1.16
CA ASP B 491 -9.18 3.09 1.97
C ASP B 491 -8.23 2.24 1.12
N TYR B 492 -6.94 2.52 1.22
CA TYR B 492 -5.92 1.74 0.52
C TYR B 492 -5.86 0.31 0.96
N ASN B 493 -6.47 -0.07 2.08
CA ASN B 493 -6.29 -1.49 2.43
C ASN B 493 -7.39 -2.37 1.88
N ASP B 494 -8.43 -1.73 1.33
CA ASP B 494 -9.64 -2.43 0.92
C ASP B 494 -10.16 -1.97 -0.43
N ASN B 495 -9.38 -2.29 -1.48
CA ASN B 495 -9.80 -1.90 -2.85
C ASN B 495 -10.19 -0.45 -3.06
N PHE B 496 -9.54 0.52 -2.39
CA PHE B 496 -9.79 1.96 -2.65
C PHE B 496 -11.23 2.35 -2.38
N ALA B 497 -11.84 1.72 -1.39
CA ALA B 497 -13.22 2.08 -0.95
C ALA B 497 -13.30 3.55 -0.72
N ARG B 498 -14.31 4.17 -1.27
CA ARG B 498 -14.52 5.60 -1.16
C ARG B 498 -15.54 5.88 -0.04
N TYR B 499 -15.39 6.99 0.71
CA TYR B 499 -16.32 7.36 1.80
C TYR B 499 -16.16 8.84 2.04
N PRO B 500 -17.27 9.61 2.09
CA PRO B 500 -17.17 11.10 2.24
C PRO B 500 -16.65 11.49 3.61
N LYS B 501 -15.75 12.48 3.64
CA LYS B 501 -15.27 13.08 4.84
C LYS B 501 -16.30 14.15 5.20
N ASP B 502 -16.16 14.77 6.39
CA ASP B 502 -17.11 15.82 6.79
C ASP B 502 -17.16 16.97 5.85
N SER B 503 -16.02 17.34 5.29
CA SER B 503 -15.99 18.43 4.28
C SER B 503 -16.90 18.21 3.08
N ALA B 504 -16.97 16.95 2.61
CA ALA B 504 -17.81 16.62 1.44
C ALA B 504 -19.27 16.78 1.80
N VAL B 505 -19.63 16.35 3.03
CA VAL B 505 -21.05 16.50 3.49
C VAL B 505 -21.37 17.98 3.64
N TRP B 506 -20.41 18.76 4.13
CA TRP B 506 -20.63 20.19 4.27
C TRP B 506 -20.78 20.88 2.93
N LEU B 507 -19.91 20.51 1.98
CA LEU B 507 -20.04 21.07 0.61
C LEU B 507 -21.37 20.74 0.01
N MET B 508 -21.77 19.47 0.16
CA MET B 508 -23.08 19.10 -0.36
C MET B 508 -24.23 19.96 0.27
N ASN B 509 -24.27 20.00 1.60
CA ASN B 509 -25.34 20.72 2.30
C ASN B 509 -25.34 22.23 2.05
N SER B 510 -24.16 22.84 1.94
CA SER B 510 -24.07 24.29 1.74
C SER B 510 -24.12 24.76 0.33
N PHE B 511 -23.76 23.88 -0.63
CA PHE B 511 -23.64 24.28 -2.03
C PHE B 511 -24.36 23.41 -3.06
N HIS B 512 -25.29 22.61 -2.62
CA HIS B 512 -26.00 21.79 -3.51
C HIS B 512 -26.71 22.63 -4.52
N LYS B 513 -26.43 22.38 -5.79
CA LYS B 513 -27.39 22.56 -6.89
C LYS B 513 -26.67 22.35 -8.24
C2 BGC C . 4.61 -17.28 9.83
C3 BGC C . 5.34 -17.46 11.14
C4 BGC C . 6.52 -16.53 11.21
C5 BGC C . 5.97 -15.14 11.11
C6 BGC C . 6.95 -14.02 11.15
C1 BGC C . 4.47 -15.84 9.41
O1 BGC C . 4.68 -15.71 8.04
O2 BGC C . 3.28 -17.74 9.98
O3 BGC C . 5.73 -18.79 11.38
O4 BGC C . 7.15 -16.68 12.46
O5 BGC C . 5.44 -14.95 9.84
O6 BGC C . 6.34 -12.93 10.46
H2 BGC C . 5.15 -17.83 9.04
H3 BGC C . 4.65 -17.19 11.93
H4 BGC C . 7.19 -16.72 10.37
H5 BGC C . 5.23 -14.97 11.89
H61 BGC C . 7.87 -14.34 10.67
H62 BGC C . 7.18 -13.76 12.19
H1 BGC C . 3.48 -15.47 9.69
HO1 BGC C . 4.51 -14.81 7.75
HO2 BGC C . 3.27 -18.46 10.61
HO3 BGC C . 5.37 -19.38 10.71
HO4 BGC C . 6.67 -17.32 13.02
HO6 BGC C . 5.42 -12.83 10.74
CL CL D . -15.43 2.95 13.84
CL CL E . 2.72 11.70 -36.99
C2 BGC F . -1.53 19.66 -8.23
C3 BGC F . -1.91 18.23 -7.85
C4 BGC F . -1.36 18.13 -6.43
C5 BGC F . -0.95 19.22 -5.46
C6 BGC F . 0.38 19.12 -4.71
C1 BGC F . -1.94 20.60 -7.11
O1 BGC F . -1.83 21.91 -7.69
O2 BGC F . -2.19 20.09 -9.42
O3 BGC F . -1.11 17.43 -8.73
O4 BGC F . -2.00 17.01 -5.80
O5 BGC F . -1.05 20.54 -6.00
O6 BGC F . 0.60 17.75 -4.40
#